data_9CRA
#
_entry.id   9CRA
#
_cell.length_a   1.00
_cell.length_b   1.00
_cell.length_c   1.00
_cell.angle_alpha   90.00
_cell.angle_beta   90.00
_cell.angle_gamma   90.00
#
_symmetry.space_group_name_H-M   'P 1'
#
loop_
_entity.id
_entity.type
_entity.pdbx_description
1 polymer 'NAD kinase'
2 non-polymer NICOTINAMIDE-ADENINE-DINUCLEOTIDE
#
_entity_poly.entity_id   1
_entity_poly.type   'polypeptide(L)'
_entity_poly.pdbx_seq_one_letter_code
;MPSPVTTFGPKATVETQDPASVRLTWNKSPKSVLVIKKMRDASLLQPFKELCTHLMEENMIVYVEKKVLEDPAIASDESF
GAVKKKFTTFREDYDDISNQIDFIICLGGDGTLLYASSLFQGSVPPVMAFHLGSLGFLTPFSFENFQSQVTQVIEGNAAV
VLRSRLKVRVVKELRGKKTAVHNGLGENGSQAAGLDMDVGKQAMQYQVLNEVVIDRGPSSYLSNVDVYLDGHLITTVQGD
GVIVSTPTGSTAYAAAAGASMIHPNVPAIMITPICPHSLSFRPIVVPAGVELKIMLSPEARNTAWVSFDGRKRQEIRHGD
SISITTSTYPLPSICVRDPVSDWFESLAQCLHWNVRKKQAHFELGLEHHHHHH
;
_entity_poly.pdbx_strand_id   A,B,C,D
#
# COMPACT_ATOMS: atom_id res chain seq x y z
N THR A 7 -30.01 -12.26 24.51
CA THR A 7 -29.81 -13.67 24.82
C THR A 7 -28.91 -14.33 23.77
N PHE A 8 -28.07 -15.25 24.24
CA PHE A 8 -27.14 -15.99 23.36
C PHE A 8 -27.19 -17.46 23.77
N GLY A 9 -28.07 -18.22 23.13
CA GLY A 9 -28.27 -19.61 23.47
C GLY A 9 -29.41 -19.78 24.45
N PRO A 10 -29.71 -21.04 24.78
CA PRO A 10 -30.84 -21.31 25.69
C PRO A 10 -30.67 -20.68 27.06
N LYS A 11 -29.46 -20.59 27.60
CA LYS A 11 -29.25 -20.12 28.96
C LYS A 11 -28.31 -18.94 29.05
N ALA A 12 -27.26 -18.88 28.24
CA ALA A 12 -26.28 -17.81 28.35
C ALA A 12 -26.88 -16.48 27.90
N THR A 13 -26.47 -15.41 28.57
CA THR A 13 -26.96 -14.07 28.26
C THR A 13 -25.94 -13.05 28.76
N VAL A 14 -26.09 -11.82 28.29
CA VAL A 14 -25.21 -10.74 28.70
C VAL A 14 -25.97 -9.73 29.55
N VAL A 22 -18.28 -5.99 28.62
CA VAL A 22 -19.34 -6.97 28.45
C VAL A 22 -19.01 -8.24 29.22
N ARG A 23 -19.81 -8.55 30.23
CA ARG A 23 -19.62 -9.72 31.08
C ARG A 23 -20.64 -10.79 30.73
N LEU A 24 -20.27 -12.04 31.00
CA LEU A 24 -21.11 -13.19 30.70
C LEU A 24 -21.88 -13.61 31.95
N THR A 25 -23.20 -13.66 31.84
CA THR A 25 -24.07 -14.07 32.93
C THR A 25 -24.80 -15.35 32.53
N TRP A 26 -24.76 -16.35 33.40
CA TRP A 26 -25.32 -17.66 33.06
C TRP A 26 -26.79 -17.79 33.39
N ASN A 27 -27.27 -17.09 34.42
CA ASN A 27 -28.64 -17.20 34.89
C ASN A 27 -28.92 -18.61 35.38
N LYS A 28 -28.99 -19.56 34.46
CA LYS A 28 -29.10 -20.98 34.79
C LYS A 28 -27.74 -21.65 34.61
N SER A 29 -27.45 -22.61 35.48
CA SER A 29 -26.16 -23.27 35.46
C SER A 29 -25.98 -24.04 34.14
N PRO A 30 -24.88 -23.83 33.42
CA PRO A 30 -24.68 -24.56 32.16
C PRO A 30 -24.53 -26.05 32.40
N LYS A 31 -25.16 -26.83 31.51
CA LYS A 31 -25.08 -28.28 31.56
C LYS A 31 -24.78 -28.94 30.22
N SER A 32 -25.02 -28.25 29.11
CA SER A 32 -24.76 -28.78 27.77
C SER A 32 -23.59 -28.03 27.16
N VAL A 33 -22.59 -28.78 26.70
CA VAL A 33 -21.38 -28.21 26.12
C VAL A 33 -21.06 -28.92 24.82
N LEU A 34 -20.63 -28.16 23.83
CA LEU A 34 -20.24 -28.69 22.53
C LEU A 34 -18.73 -28.54 22.36
N VAL A 35 -18.07 -29.64 22.04
CA VAL A 35 -16.65 -29.64 21.70
C VAL A 35 -16.51 -29.93 20.21
N ILE A 36 -15.81 -29.05 19.51
CA ILE A 36 -15.63 -29.15 18.06
C ILE A 36 -14.15 -29.37 17.80
N LYS A 37 -13.83 -30.47 17.11
CA LYS A 37 -12.46 -30.85 16.83
C LYS A 37 -12.13 -30.48 15.39
N LYS A 38 -10.82 -30.40 15.10
CA LYS A 38 -10.32 -29.97 13.80
C LYS A 38 -10.32 -31.09 12.76
N MET A 39 -11.18 -32.08 12.91
CA MET A 39 -11.38 -33.16 11.93
C MET A 39 -10.06 -33.91 11.77
N ARG A 40 -9.50 -34.03 10.61
CA ARG A 40 -8.30 -34.82 10.30
C ARG A 40 -7.10 -34.18 10.97
N ASP A 41 -6.71 -34.71 12.12
CA ASP A 41 -5.54 -34.24 12.85
C ASP A 41 -5.09 -35.36 13.78
N ALA A 42 -3.87 -35.22 14.30
CA ALA A 42 -3.29 -36.22 15.17
C ALA A 42 -2.88 -35.67 16.53
N SER A 43 -2.36 -34.45 16.59
CA SER A 43 -1.93 -33.87 17.85
C SER A 43 -3.09 -33.48 18.76
N LEU A 44 -4.32 -33.50 18.25
CA LEU A 44 -5.47 -33.06 19.02
C LEU A 44 -6.22 -34.19 19.72
N LEU A 45 -5.83 -35.44 19.48
CA LEU A 45 -6.58 -36.56 20.05
C LEU A 45 -6.43 -36.61 21.56
N GLN A 46 -5.19 -36.50 22.05
CA GLN A 46 -4.98 -36.53 23.50
C GLN A 46 -5.64 -35.36 24.21
N PRO A 47 -5.49 -34.10 23.78
CA PRO A 47 -6.23 -33.02 24.45
C PRO A 47 -7.73 -33.16 24.35
N PHE A 48 -8.24 -33.64 23.21
CA PHE A 48 -9.68 -33.86 23.08
C PHE A 48 -10.16 -34.89 24.09
N LYS A 49 -9.44 -36.00 24.22
CA LYS A 49 -9.80 -37.02 25.19
C LYS A 49 -9.74 -36.50 26.61
N GLU A 50 -8.68 -35.74 26.93
CA GLU A 50 -8.56 -35.21 28.28
C GLU A 50 -9.68 -34.24 28.61
N LEU A 51 -10.01 -33.36 27.67
CA LEU A 51 -11.09 -32.40 27.89
C LEU A 51 -12.44 -33.11 28.02
N CYS A 52 -12.69 -34.12 27.21
CA CYS A 52 -13.95 -34.85 27.29
C CYS A 52 -14.07 -35.61 28.61
N THR A 53 -13.00 -36.24 29.06
CA THR A 53 -13.03 -36.94 30.34
C THR A 53 -13.24 -35.97 31.49
N HIS A 54 -12.58 -34.80 31.44
CA HIS A 54 -12.74 -33.83 32.52
C HIS A 54 -14.13 -33.21 32.52
N LEU A 55 -14.73 -33.01 31.35
CA LEU A 55 -16.00 -32.28 31.28
C LEU A 55 -17.11 -33.04 31.99
N MET A 56 -17.10 -34.37 31.93
CA MET A 56 -18.16 -35.17 32.49
C MET A 56 -17.88 -35.64 33.93
N GLU A 57 -16.83 -35.12 34.57
CA GLU A 57 -16.68 -35.31 36.00
C GLU A 57 -17.37 -34.22 36.80
N GLU A 58 -17.91 -33.20 36.13
CA GLU A 58 -18.84 -32.25 36.73
C GLU A 58 -20.26 -32.46 36.22
N ASN A 59 -20.54 -33.62 35.62
CA ASN A 59 -21.87 -33.97 35.12
C ASN A 59 -22.36 -32.96 34.08
N MET A 60 -21.52 -32.78 33.05
CA MET A 60 -21.83 -31.91 31.92
C MET A 60 -22.16 -32.75 30.70
N ILE A 61 -23.28 -32.43 30.04
CA ILE A 61 -23.65 -33.11 28.81
C ILE A 61 -22.76 -32.60 27.69
N VAL A 62 -22.07 -33.52 27.01
CA VAL A 62 -21.09 -33.17 25.99
C VAL A 62 -21.59 -33.65 24.63
N TYR A 63 -21.57 -32.74 23.66
CA TYR A 63 -22.00 -33.03 22.30
C TYR A 63 -20.78 -33.09 21.39
N VAL A 64 -20.75 -34.09 20.52
CA VAL A 64 -19.65 -34.31 19.60
C VAL A 64 -20.21 -34.61 18.22
N GLU A 65 -19.55 -34.11 17.19
CA GLU A 65 -19.93 -34.45 15.82
C GLU A 65 -19.87 -35.95 15.59
N LYS A 66 -20.82 -36.47 14.82
CA LYS A 66 -20.88 -37.91 14.57
C LYS A 66 -19.62 -38.40 13.85
N LYS A 67 -19.14 -37.62 12.88
CA LYS A 67 -17.94 -38.02 12.14
C LYS A 67 -16.71 -38.09 13.03
N VAL A 68 -16.69 -37.38 14.15
CA VAL A 68 -15.55 -37.45 15.06
C VAL A 68 -15.51 -38.80 15.76
N LEU A 69 -16.67 -39.31 16.18
CA LEU A 69 -16.73 -40.57 16.90
C LEU A 69 -16.52 -41.78 16.02
N GLU A 70 -16.55 -41.62 14.69
CA GLU A 70 -16.26 -42.71 13.77
C GLU A 70 -14.82 -42.67 13.27
N ASP A 71 -13.98 -41.83 13.86
CA ASP A 71 -12.58 -41.79 13.48
C ASP A 71 -11.91 -43.13 13.81
N PRO A 72 -10.99 -43.60 12.97
CA PRO A 72 -10.32 -44.87 13.29
C PRO A 72 -9.60 -44.86 14.63
N ALA A 73 -8.92 -43.76 14.96
CA ALA A 73 -8.20 -43.68 16.23
C ALA A 73 -9.02 -43.03 17.34
N ILE A 74 -10.26 -43.49 17.51
CA ILE A 74 -11.05 -43.11 18.68
C ILE A 74 -11.71 -44.30 19.37
N ALA A 75 -11.87 -45.43 18.69
CA ALA A 75 -12.40 -46.64 19.32
C ALA A 75 -11.35 -47.73 19.45
N SER A 76 -10.22 -47.62 18.74
CA SER A 76 -9.13 -48.58 18.90
C SER A 76 -8.55 -48.57 20.30
N ASP A 77 -8.75 -47.48 21.04
CA ASP A 77 -8.34 -47.39 22.45
C ASP A 77 -9.55 -47.67 23.33
N GLU A 78 -9.47 -48.73 24.12
CA GLU A 78 -10.58 -49.10 25.00
C GLU A 78 -10.61 -48.29 26.28
N SER A 79 -9.53 -47.58 26.62
CA SER A 79 -9.56 -46.73 27.79
C SER A 79 -10.56 -45.58 27.63
N PHE A 80 -10.64 -45.02 26.44
CA PHE A 80 -11.59 -43.96 26.13
C PHE A 80 -12.95 -44.49 25.71
N GLY A 81 -13.10 -45.81 25.59
CA GLY A 81 -14.37 -46.36 25.18
C GLY A 81 -15.48 -46.13 26.19
N ALA A 82 -15.15 -46.18 27.48
CA ALA A 82 -16.13 -45.91 28.51
C ALA A 82 -16.58 -44.45 28.51
N VAL A 83 -15.84 -43.58 27.83
CA VAL A 83 -16.19 -42.17 27.75
C VAL A 83 -17.09 -41.88 26.57
N LYS A 84 -16.86 -42.54 25.43
CA LYS A 84 -17.65 -42.29 24.23
C LYS A 84 -19.11 -42.67 24.40
N LYS A 85 -19.43 -43.52 25.37
CA LYS A 85 -20.81 -43.94 25.58
C LYS A 85 -21.68 -42.83 26.17
N LYS A 86 -21.09 -41.72 26.60
CA LYS A 86 -21.81 -40.63 27.24
C LYS A 86 -21.79 -39.35 26.39
N PHE A 87 -21.78 -39.49 25.07
CA PHE A 87 -21.81 -38.36 24.16
C PHE A 87 -23.18 -38.28 23.48
N THR A 88 -23.76 -37.09 23.46
CA THR A 88 -25.01 -36.84 22.75
C THR A 88 -24.66 -36.59 21.30
N THR A 89 -24.56 -37.67 20.53
CA THR A 89 -24.07 -37.59 19.15
C THR A 89 -25.09 -36.89 18.26
N PHE A 90 -24.58 -36.04 17.36
CA PHE A 90 -25.40 -35.37 16.35
C PHE A 90 -24.70 -35.45 15.01
N ARG A 91 -25.48 -35.40 13.94
CA ARG A 91 -24.98 -35.54 12.59
C ARG A 91 -25.30 -34.29 11.77
N GLU A 92 -24.38 -33.92 10.89
CA GLU A 92 -24.58 -32.76 10.03
C GLU A 92 -25.67 -33.03 9.00
N ASP A 93 -26.43 -31.99 8.67
CA ASP A 93 -27.45 -31.95 7.63
C ASP A 93 -28.66 -32.82 7.96
N TYR A 94 -28.64 -33.56 9.07
CA TYR A 94 -29.75 -34.42 9.46
C TYR A 94 -30.43 -33.95 10.74
N ASP A 95 -29.65 -33.75 11.81
CA ASP A 95 -30.18 -33.31 13.10
C ASP A 95 -29.68 -31.89 13.39
N ASP A 96 -30.60 -30.99 13.69
CA ASP A 96 -30.26 -29.62 14.02
C ASP A 96 -30.12 -29.48 15.53
N ILE A 97 -28.91 -29.18 15.99
CA ILE A 97 -28.68 -29.01 17.42
C ILE A 97 -29.35 -27.74 17.94
N SER A 98 -29.25 -26.64 17.20
CA SER A 98 -29.95 -25.40 17.49
C SER A 98 -29.85 -24.98 18.95
N ASN A 99 -31.01 -24.84 19.60
CA ASN A 99 -31.09 -24.34 20.97
C ASN A 99 -31.04 -25.51 21.96
N GLN A 100 -29.87 -26.15 22.00
CA GLN A 100 -29.63 -27.24 22.94
C GLN A 100 -28.27 -27.16 23.62
N ILE A 101 -27.48 -26.12 23.37
CA ILE A 101 -26.10 -26.05 23.83
C ILE A 101 -25.89 -24.75 24.59
N ASP A 102 -25.27 -24.84 25.77
CA ASP A 102 -25.07 -23.65 26.60
C ASP A 102 -23.84 -22.87 26.16
N PHE A 103 -22.72 -23.55 25.88
CA PHE A 103 -21.54 -22.88 25.37
C PHE A 103 -20.67 -23.91 24.66
N ILE A 104 -19.79 -23.41 23.80
CA ILE A 104 -18.99 -24.24 22.91
C ILE A 104 -17.52 -24.14 23.30
N ILE A 105 -16.79 -25.24 23.13
CA ILE A 105 -15.35 -25.28 23.25
C ILE A 105 -14.78 -25.76 21.93
N CYS A 106 -13.87 -24.97 21.36
CA CYS A 106 -13.27 -25.27 20.06
C CYS A 106 -11.81 -25.62 20.21
N LEU A 107 -11.37 -26.62 19.43
CA LEU A 107 -10.00 -27.10 19.45
C LEU A 107 -9.44 -27.10 18.03
N GLY A 108 -8.26 -26.52 17.85
CA GLY A 108 -7.54 -26.69 16.60
C GLY A 108 -7.03 -25.44 15.91
N GLY A 109 -7.79 -24.37 15.91
CA GLY A 109 -7.38 -23.16 15.24
C GLY A 109 -8.56 -22.30 14.86
N ASP A 110 -8.27 -21.31 14.01
CA ASP A 110 -9.27 -20.31 13.64
C ASP A 110 -10.42 -20.93 12.85
N GLY A 111 -10.10 -21.81 11.90
CA GLY A 111 -11.13 -22.35 11.04
C GLY A 111 -12.22 -23.09 11.80
N THR A 112 -11.84 -23.76 12.89
CA THR A 112 -12.82 -24.42 13.74
C THR A 112 -13.89 -23.43 14.20
N LEU A 113 -13.46 -22.25 14.66
CA LEU A 113 -14.42 -21.22 15.04
C LEU A 113 -15.34 -20.87 13.88
N LEU A 114 -14.79 -20.77 12.67
CA LEU A 114 -15.62 -20.53 11.50
C LEU A 114 -16.66 -21.64 11.35
N TYR A 115 -16.23 -22.90 11.52
CA TYR A 115 -17.18 -24.00 11.47
C TYR A 115 -18.22 -23.86 12.58
N ALA A 116 -17.80 -23.37 13.75
CA ALA A 116 -18.75 -23.13 14.83
C ALA A 116 -19.81 -22.13 14.42
N SER A 117 -19.45 -21.15 13.58
CA SER A 117 -20.46 -20.21 13.10
C SER A 117 -21.37 -20.85 12.06
N SER A 118 -20.89 -21.89 11.36
CA SER A 118 -21.69 -22.52 10.33
C SER A 118 -22.84 -23.33 10.92
N LEU A 119 -22.60 -23.96 12.08
CA LEU A 119 -23.63 -24.81 12.67
C LEU A 119 -24.76 -24.02 13.30
N PHE A 120 -24.54 -22.73 13.59
CA PHE A 120 -25.53 -21.90 14.27
C PHE A 120 -25.86 -20.70 13.37
N GLN A 121 -26.92 -20.84 12.57
CA GLN A 121 -27.36 -19.75 11.71
C GLN A 121 -28.22 -18.73 12.43
N GLY A 122 -28.61 -19.01 13.68
CA GLY A 122 -29.34 -18.05 14.48
C GLY A 122 -28.55 -17.63 15.70
N SER A 123 -29.17 -17.65 16.87
CA SER A 123 -28.47 -17.32 18.10
C SER A 123 -27.42 -18.40 18.40
N VAL A 124 -26.24 -17.96 18.80
CA VAL A 124 -25.11 -18.87 19.00
C VAL A 124 -24.59 -18.72 20.44
N PRO A 125 -24.31 -19.82 21.12
CA PRO A 125 -23.79 -19.74 22.50
C PRO A 125 -22.35 -19.26 22.51
N PRO A 126 -21.85 -18.82 23.67
CA PRO A 126 -20.45 -18.36 23.74
C PRO A 126 -19.48 -19.48 23.42
N VAL A 127 -18.34 -19.10 22.85
CA VAL A 127 -17.32 -20.04 22.39
C VAL A 127 -16.04 -19.79 23.16
N MET A 128 -15.43 -20.87 23.65
CA MET A 128 -14.16 -20.83 24.36
C MET A 128 -13.13 -21.53 23.47
N ALA A 129 -12.53 -20.76 22.56
CA ALA A 129 -11.63 -21.32 21.57
C ALA A 129 -10.27 -21.65 22.17
N PHE A 130 -9.69 -22.76 21.74
CA PHE A 130 -8.39 -23.23 22.19
C PHE A 130 -7.46 -23.35 20.99
N HIS A 131 -6.21 -22.94 21.18
CA HIS A 131 -5.17 -23.08 20.16
C HIS A 131 -4.24 -24.22 20.55
N LEU A 132 -4.05 -25.16 19.63
CA LEU A 132 -3.29 -26.37 19.87
C LEU A 132 -2.35 -26.61 18.69
N GLY A 133 -1.07 -26.36 18.88
CA GLY A 133 -0.10 -26.50 17.81
C GLY A 133 -0.18 -25.42 16.76
N SER A 134 -1.09 -24.46 16.90
CA SER A 134 -1.21 -23.33 16.00
C SER A 134 -1.40 -22.08 16.84
N LEU A 135 -0.97 -20.94 16.30
CA LEU A 135 -1.04 -19.71 17.07
C LEU A 135 -2.46 -19.16 17.09
N GLY A 136 -3.00 -18.82 15.93
CA GLY A 136 -4.40 -18.46 15.81
C GLY A 136 -4.72 -17.05 16.25
N PHE A 137 -5.55 -16.35 15.47
CA PHE A 137 -5.97 -15.00 15.82
C PHE A 137 -7.22 -14.98 16.70
N LEU A 138 -8.14 -15.92 16.47
CA LEU A 138 -9.38 -15.99 17.22
C LEU A 138 -9.35 -17.08 18.30
N THR A 139 -8.18 -17.63 18.60
CA THR A 139 -8.01 -18.70 19.58
C THR A 139 -7.07 -18.21 20.67
N PRO A 140 -7.59 -17.59 21.73
CA PRO A 140 -6.72 -16.97 22.74
C PRO A 140 -6.36 -17.85 23.93
N PHE A 141 -6.96 -19.02 24.08
CA PHE A 141 -6.77 -19.84 25.27
C PHE A 141 -5.70 -20.90 25.02
N SER A 142 -4.74 -20.98 25.94
CA SER A 142 -3.73 -22.03 25.92
C SER A 142 -4.24 -23.25 26.66
N PHE A 143 -3.93 -24.44 26.13
CA PHE A 143 -4.46 -25.66 26.71
C PHE A 143 -3.86 -25.98 28.07
N GLU A 144 -2.72 -25.38 28.41
CA GLU A 144 -2.13 -25.63 29.72
C GLU A 144 -3.02 -25.08 30.82
N ASN A 145 -3.18 -25.86 31.89
CA ASN A 145 -4.03 -25.48 33.02
C ASN A 145 -5.45 -25.15 32.58
N PHE A 146 -5.98 -25.97 31.67
CA PHE A 146 -7.31 -25.71 31.13
C PHE A 146 -8.41 -25.97 32.15
N GLN A 147 -8.12 -26.73 33.20
CA GLN A 147 -9.15 -27.02 34.20
C GLN A 147 -9.61 -25.74 34.89
N SER A 148 -8.68 -24.92 35.34
CA SER A 148 -9.05 -23.68 36.03
C SER A 148 -9.78 -22.73 35.08
N GLN A 149 -9.34 -22.65 33.83
CA GLN A 149 -9.97 -21.76 32.87
C GLN A 149 -11.41 -22.18 32.59
N VAL A 150 -11.63 -23.47 32.34
CA VAL A 150 -12.98 -23.93 32.04
C VAL A 150 -13.87 -23.80 33.28
N THR A 151 -13.30 -24.02 34.47
CA THR A 151 -14.09 -23.84 35.69
C THR A 151 -14.49 -22.38 35.88
N GLN A 152 -13.56 -21.45 35.62
CA GLN A 152 -13.87 -20.03 35.76
C GLN A 152 -14.94 -19.62 34.75
N VAL A 153 -14.87 -20.14 33.53
CA VAL A 153 -15.89 -19.83 32.53
C VAL A 153 -17.24 -20.39 32.95
N ILE A 154 -17.25 -21.61 33.50
CA ILE A 154 -18.50 -22.22 33.95
C ILE A 154 -19.12 -21.41 35.07
N GLU A 155 -18.30 -20.93 36.01
CA GLU A 155 -18.83 -20.15 37.13
C GLU A 155 -19.53 -18.88 36.64
N GLY A 156 -18.91 -18.18 35.69
CA GLY A 156 -19.53 -16.99 35.12
C GLY A 156 -18.71 -15.73 35.27
N ASN A 157 -17.41 -15.89 35.47
CA ASN A 157 -16.48 -14.76 35.59
C ASN A 157 -15.59 -14.75 34.35
N ALA A 158 -16.07 -14.11 33.29
CA ALA A 158 -15.34 -14.06 32.04
C ALA A 158 -15.92 -12.95 31.17
N ALA A 159 -15.04 -12.28 30.43
CA ALA A 159 -15.44 -11.22 29.52
C ALA A 159 -15.68 -11.79 28.13
N VAL A 160 -16.55 -11.14 27.36
CA VAL A 160 -17.01 -11.63 26.08
C VAL A 160 -16.86 -10.52 25.04
N VAL A 161 -16.39 -10.89 23.85
CA VAL A 161 -16.34 -10.00 22.70
C VAL A 161 -17.41 -10.42 21.73
N LEU A 162 -18.39 -9.54 21.48
CA LEU A 162 -19.50 -9.83 20.58
C LEU A 162 -19.07 -9.53 19.16
N ARG A 163 -18.61 -10.56 18.45
CA ARG A 163 -18.16 -10.41 17.07
C ARG A 163 -19.36 -10.38 16.14
N SER A 164 -19.45 -9.33 15.31
CA SER A 164 -20.54 -9.20 14.37
C SER A 164 -20.39 -10.18 13.21
N ARG A 165 -21.51 -10.50 12.59
CA ARG A 165 -21.54 -11.38 11.43
C ARG A 165 -22.37 -10.74 10.32
N LEU A 166 -22.13 -11.17 9.09
CA LEU A 166 -22.87 -10.66 7.94
C LEU A 166 -23.91 -11.67 7.51
N LYS A 167 -25.14 -11.20 7.33
CA LYS A 167 -26.24 -11.99 6.79
C LYS A 167 -26.29 -11.76 5.29
N VAL A 168 -26.17 -12.83 4.51
CA VAL A 168 -26.09 -12.75 3.06
C VAL A 168 -27.17 -13.65 2.45
N ARG A 169 -27.90 -13.11 1.48
CA ARG A 169 -28.90 -13.85 0.73
C ARG A 169 -28.52 -13.85 -0.74
N VAL A 170 -28.60 -15.02 -1.37
CA VAL A 170 -28.32 -15.18 -2.79
C VAL A 170 -29.65 -15.41 -3.50
N VAL A 171 -29.99 -14.50 -4.42
CA VAL A 171 -31.24 -14.59 -5.18
C VAL A 171 -30.89 -14.98 -6.60
N LYS A 172 -31.46 -16.10 -7.05
CA LYS A 172 -31.21 -16.64 -8.37
C LYS A 172 -32.46 -16.58 -9.22
N ALA A 203 -33.30 -18.31 -2.93
CA ALA A 203 -33.60 -17.81 -1.59
C ALA A 203 -32.75 -18.53 -0.53
N MET A 204 -31.44 -18.50 -0.72
CA MET A 204 -30.50 -19.14 0.20
C MET A 204 -29.92 -18.09 1.13
N GLN A 205 -29.88 -18.39 2.42
CA GLN A 205 -29.38 -17.48 3.44
C GLN A 205 -28.17 -18.08 4.15
N TYR A 206 -27.17 -17.24 4.39
CA TYR A 206 -25.96 -17.63 5.10
C TYR A 206 -25.59 -16.55 6.10
N GLN A 207 -24.92 -16.98 7.18
CA GLN A 207 -24.29 -16.07 8.12
C GLN A 207 -22.79 -16.31 8.07
N VAL A 208 -22.03 -15.26 7.75
CA VAL A 208 -20.59 -15.37 7.59
C VAL A 208 -19.91 -14.57 8.70
N LEU A 209 -18.75 -15.08 9.13
CA LEU A 209 -18.00 -14.46 10.22
C LEU A 209 -16.90 -13.54 9.71
N ASN A 210 -15.97 -14.07 8.89
CA ASN A 210 -14.86 -13.26 8.43
C ASN A 210 -15.25 -12.39 7.24
N GLU A 211 -15.62 -13.00 6.11
CA GLU A 211 -16.09 -12.24 4.97
C GLU A 211 -16.88 -13.15 4.04
N VAL A 212 -17.45 -12.53 3.01
CA VAL A 212 -17.94 -13.23 1.82
C VAL A 212 -17.21 -12.64 0.63
N VAL A 213 -16.67 -13.52 -0.22
CA VAL A 213 -15.78 -13.11 -1.31
C VAL A 213 -16.48 -13.39 -2.64
N ILE A 214 -16.64 -12.35 -3.44
CA ILE A 214 -17.16 -12.47 -4.80
C ILE A 214 -15.99 -12.23 -5.73
N ASP A 215 -15.55 -13.27 -6.43
CA ASP A 215 -14.31 -13.22 -7.19
C ASP A 215 -14.50 -13.98 -8.51
N ARG A 216 -13.37 -14.25 -9.16
CA ARG A 216 -13.32 -15.05 -10.39
C ARG A 216 -12.39 -16.24 -10.16
N GLY A 217 -12.82 -17.40 -10.65
CA GLY A 217 -12.11 -18.64 -10.39
C GLY A 217 -11.27 -19.10 -11.56
N PRO A 218 -11.79 -20.07 -12.32
CA PRO A 218 -11.03 -20.58 -13.47
C PRO A 218 -10.78 -19.55 -14.54
N SER A 219 -11.55 -18.47 -14.58
CA SER A 219 -11.32 -17.42 -15.56
C SER A 219 -9.98 -16.75 -15.34
N SER A 220 -9.27 -16.47 -16.44
CA SER A 220 -8.00 -15.78 -16.40
C SER A 220 -8.12 -14.30 -16.75
N TYR A 221 -9.33 -13.81 -16.93
CA TYR A 221 -9.58 -12.43 -17.31
C TYR A 221 -10.10 -11.63 -16.11
N LEU A 222 -10.24 -10.32 -16.31
CA LEU A 222 -10.76 -9.45 -15.27
C LEU A 222 -12.23 -9.76 -15.00
N SER A 223 -12.64 -9.49 -13.76
CA SER A 223 -14.02 -9.66 -13.33
C SER A 223 -14.63 -8.29 -13.07
N ASN A 224 -15.78 -8.04 -13.68
CA ASN A 224 -16.52 -6.79 -13.53
C ASN A 224 -17.77 -7.07 -12.70
N VAL A 225 -17.84 -6.52 -11.49
CA VAL A 225 -19.06 -6.65 -10.71
C VAL A 225 -19.46 -5.29 -10.15
N ASP A 226 -20.78 -5.10 -10.03
CA ASP A 226 -21.38 -3.85 -9.61
C ASP A 226 -21.84 -3.95 -8.16
N VAL A 227 -21.62 -2.89 -7.39
CA VAL A 227 -21.99 -2.84 -5.98
C VAL A 227 -22.99 -1.70 -5.77
N TYR A 228 -24.09 -2.02 -5.10
CA TYR A 228 -25.10 -1.03 -4.71
C TYR A 228 -25.10 -0.89 -3.21
N LEU A 229 -25.11 0.35 -2.73
CA LEU A 229 -25.27 0.65 -1.30
C LEU A 229 -26.58 1.43 -1.15
N ASP A 230 -27.54 0.81 -0.48
CA ASP A 230 -28.88 1.39 -0.29
C ASP A 230 -29.53 1.71 -1.64
N GLY A 231 -29.36 0.82 -2.61
CA GLY A 231 -29.99 0.96 -3.90
C GLY A 231 -29.32 1.91 -4.86
N HIS A 232 -28.12 2.39 -4.55
CA HIS A 232 -27.40 3.34 -5.38
C HIS A 232 -26.10 2.72 -5.86
N LEU A 233 -25.83 2.83 -7.16
CA LEU A 233 -24.56 2.35 -7.72
C LEU A 233 -23.43 3.20 -7.16
N ILE A 234 -22.61 2.60 -6.29
CA ILE A 234 -21.50 3.31 -5.68
C ILE A 234 -20.22 3.01 -6.43
N THR A 235 -20.11 1.80 -6.99
CA THR A 235 -18.88 1.42 -7.68
C THR A 235 -19.11 0.20 -8.56
N THR A 236 -18.27 0.11 -9.58
CA THR A 236 -18.06 -1.11 -10.35
C THR A 236 -16.58 -1.46 -10.25
N VAL A 237 -16.28 -2.71 -9.92
CA VAL A 237 -14.90 -3.13 -9.70
C VAL A 237 -14.50 -4.08 -10.81
N GLN A 238 -13.29 -3.86 -11.34
CA GLN A 238 -12.69 -4.57 -12.45
C GLN A 238 -11.39 -5.19 -11.94
N GLY A 239 -11.46 -6.44 -11.51
CA GLY A 239 -10.30 -7.14 -11.00
C GLY A 239 -10.60 -8.54 -10.55
N ASP A 240 -9.88 -9.02 -9.53
CA ASP A 240 -10.14 -10.38 -9.05
C ASP A 240 -11.45 -10.47 -8.29
N GLY A 241 -11.71 -9.51 -7.40
CA GLY A 241 -12.96 -9.52 -6.67
C GLY A 241 -12.95 -8.56 -5.50
N VAL A 242 -13.95 -8.72 -4.63
CA VAL A 242 -14.14 -7.88 -3.45
C VAL A 242 -14.21 -8.76 -2.21
N ILE A 243 -13.83 -8.19 -1.06
CA ILE A 243 -13.66 -8.94 0.17
C ILE A 243 -14.55 -8.33 1.26
N VAL A 244 -15.75 -7.89 0.89
CA VAL A 244 -16.67 -7.30 1.87
C VAL A 244 -16.72 -8.15 3.12
N SER A 245 -16.43 -7.54 4.27
CA SER A 245 -16.05 -8.30 5.46
C SER A 245 -16.57 -7.65 6.73
N THR A 246 -16.63 -8.46 7.78
CA THR A 246 -16.88 -7.99 9.14
C THR A 246 -15.60 -7.42 9.73
N PRO A 247 -15.70 -6.68 10.83
CA PRO A 247 -14.48 -6.25 11.53
C PRO A 247 -13.58 -7.40 11.93
N THR A 248 -14.16 -8.51 12.41
CA THR A 248 -13.33 -9.66 12.81
C THR A 248 -12.67 -10.32 11.62
N GLY A 249 -13.16 -10.07 10.41
CA GLY A 249 -12.51 -10.51 9.19
C GLY A 249 -11.55 -9.52 8.60
N SER A 250 -11.31 -8.40 9.28
CA SER A 250 -10.37 -7.41 8.77
C SER A 250 -8.96 -7.95 8.70
N THR A 251 -8.54 -8.69 9.72
CA THR A 251 -7.21 -9.29 9.75
C THR A 251 -7.12 -10.55 8.90
N ALA A 252 -8.24 -11.00 8.34
CA ALA A 252 -8.31 -12.13 7.43
C ALA A 252 -7.90 -11.70 6.02
N TYR A 253 -8.30 -12.50 5.03
CA TYR A 253 -8.00 -12.28 3.60
C TYR A 253 -8.19 -10.83 3.17
N ALA A 254 -9.03 -10.08 3.89
CA ALA A 254 -9.12 -8.64 3.66
C ALA A 254 -7.79 -7.95 3.94
N ALA A 255 -7.12 -8.33 5.03
CA ALA A 255 -5.84 -7.72 5.37
C ALA A 255 -4.79 -7.97 4.31
N ALA A 256 -4.80 -9.17 3.71
CA ALA A 256 -3.83 -9.48 2.67
C ALA A 256 -3.99 -8.58 1.46
N ALA A 257 -5.18 -8.03 1.25
CA ALA A 257 -5.47 -7.17 0.10
C ALA A 257 -5.24 -5.70 0.38
N GLY A 258 -4.69 -5.35 1.53
CA GLY A 258 -4.42 -3.97 1.87
C GLY A 258 -5.39 -3.31 2.82
N ALA A 259 -6.29 -4.08 3.42
CA ALA A 259 -7.26 -3.50 4.34
C ALA A 259 -6.60 -3.10 5.66
N SER A 260 -7.21 -2.13 6.33
CA SER A 260 -6.74 -1.68 7.63
C SER A 260 -7.17 -2.65 8.73
N MET A 261 -6.54 -2.52 9.88
CA MET A 261 -6.85 -3.37 11.03
C MET A 261 -8.07 -2.79 11.74
N ILE A 262 -9.14 -3.57 11.82
CA ILE A 262 -10.42 -3.10 12.35
C ILE A 262 -10.69 -3.84 13.64
N HIS A 263 -10.87 -3.09 14.73
CA HIS A 263 -11.16 -3.70 16.01
C HIS A 263 -12.58 -4.26 16.02
N PRO A 264 -12.80 -5.45 16.58
CA PRO A 264 -14.13 -6.06 16.53
C PRO A 264 -15.19 -5.35 17.36
N ASN A 265 -14.87 -4.27 18.06
CA ASN A 265 -15.84 -3.52 18.85
C ASN A 265 -16.34 -2.28 18.14
N VAL A 266 -16.00 -2.08 16.87
CA VAL A 266 -16.55 -0.97 16.11
C VAL A 266 -17.63 -1.52 15.18
N PRO A 267 -18.79 -0.89 15.10
CA PRO A 267 -19.83 -1.32 14.17
C PRO A 267 -19.56 -0.81 12.76
N ALA A 268 -19.15 -1.71 11.87
CA ALA A 268 -18.78 -1.30 10.52
C ALA A 268 -18.82 -2.51 9.59
N ILE A 269 -18.86 -2.22 8.30
CA ILE A 269 -18.72 -3.22 7.25
C ILE A 269 -17.63 -2.75 6.29
N MET A 270 -16.66 -3.60 6.02
CA MET A 270 -15.57 -3.23 5.13
C MET A 270 -15.89 -3.62 3.69
N ILE A 271 -15.29 -2.90 2.76
CA ILE A 271 -15.31 -3.25 1.34
C ILE A 271 -13.89 -3.04 0.83
N THR A 272 -13.17 -4.14 0.59
CA THR A 272 -11.82 -4.07 0.08
C THR A 272 -11.66 -4.99 -1.13
N PRO A 273 -10.89 -4.57 -2.13
CA PRO A 273 -10.82 -5.32 -3.39
C PRO A 273 -9.85 -6.47 -3.37
N ILE A 274 -9.61 -7.07 -4.53
CA ILE A 274 -8.56 -8.05 -4.73
C ILE A 274 -7.84 -7.63 -6.02
N CYS A 275 -6.77 -6.86 -5.87
CA CYS A 275 -5.92 -6.43 -6.98
C CYS A 275 -6.73 -5.77 -8.09
N PRO A 276 -7.22 -4.55 -7.89
CA PRO A 276 -7.96 -3.87 -8.95
C PRO A 276 -7.02 -3.37 -10.04
N HIS A 277 -7.59 -3.18 -11.23
CA HIS A 277 -6.84 -2.52 -12.30
C HIS A 277 -7.04 -1.00 -12.25
N SER A 278 -6.83 -0.45 -11.05
CA SER A 278 -6.93 0.99 -10.82
C SER A 278 -6.12 1.31 -9.58
N LEU A 279 -5.30 2.36 -9.65
CA LEU A 279 -4.45 2.73 -8.53
C LEU A 279 -5.19 3.47 -7.43
N SER A 280 -6.46 3.83 -7.65
CA SER A 280 -7.19 4.70 -6.74
C SER A 280 -8.18 3.99 -5.84
N PHE A 281 -8.51 2.73 -6.12
CA PHE A 281 -9.63 2.08 -5.42
C PHE A 281 -9.12 1.60 -4.07
N ARG A 282 -9.02 2.54 -3.14
CA ARG A 282 -8.63 2.23 -1.77
C ARG A 282 -9.80 1.57 -1.04
N PRO A 283 -9.53 0.63 -0.13
CA PRO A 283 -10.62 0.01 0.63
C PRO A 283 -11.39 1.03 1.46
N ILE A 284 -12.69 0.76 1.63
CA ILE A 284 -13.59 1.69 2.29
C ILE A 284 -14.29 0.98 3.45
N VAL A 285 -14.80 1.79 4.38
CA VAL A 285 -15.54 1.31 5.55
C VAL A 285 -16.88 2.04 5.60
N VAL A 286 -17.95 1.26 5.75
CA VAL A 286 -19.31 1.80 5.69
C VAL A 286 -20.03 1.44 6.98
N PRO A 287 -21.09 2.19 7.34
CA PRO A 287 -21.84 1.87 8.55
C PRO A 287 -22.47 0.48 8.48
N ALA A 288 -22.64 -0.13 9.65
CA ALA A 288 -23.15 -1.49 9.72
C ALA A 288 -24.63 -1.60 9.40
N GLY A 289 -25.35 -0.47 9.35
CA GLY A 289 -26.78 -0.52 9.15
C GLY A 289 -27.22 -0.33 7.71
N VAL A 290 -26.33 -0.57 6.77
CA VAL A 290 -26.59 -0.30 5.36
C VAL A 290 -26.92 -1.59 4.64
N GLU A 291 -27.46 -1.44 3.43
CA GLU A 291 -27.79 -2.55 2.54
C GLU A 291 -26.74 -2.62 1.42
N LEU A 292 -26.15 -3.79 1.23
CA LEU A 292 -25.24 -4.01 0.11
C LEU A 292 -25.87 -4.99 -0.88
N LYS A 293 -25.70 -4.73 -2.17
CA LYS A 293 -26.26 -5.62 -3.18
C LYS A 293 -25.28 -5.69 -4.35
N ILE A 294 -24.72 -6.87 -4.57
CA ILE A 294 -23.68 -7.08 -5.57
C ILE A 294 -24.24 -7.92 -6.71
N MET A 295 -23.98 -7.49 -7.94
CA MET A 295 -24.42 -8.20 -9.12
C MET A 295 -23.31 -8.17 -10.17
N LEU A 296 -23.57 -8.82 -11.30
CA LEU A 296 -22.72 -8.69 -12.48
C LEU A 296 -23.24 -7.55 -13.35
N SER A 297 -22.31 -6.74 -13.86
CA SER A 297 -22.69 -5.64 -14.73
C SER A 297 -23.28 -6.19 -16.04
N PRO A 298 -24.21 -5.46 -16.65
CA PRO A 298 -24.80 -5.96 -17.92
C PRO A 298 -23.77 -6.22 -19.00
N GLU A 299 -22.74 -5.38 -19.10
CA GLU A 299 -21.67 -5.57 -20.08
C GLU A 299 -20.46 -6.23 -19.43
N ALA A 300 -20.66 -7.47 -18.98
CA ALA A 300 -19.61 -8.22 -18.30
C ALA A 300 -19.44 -9.57 -18.95
N ARG A 301 -18.18 -9.95 -19.18
CA ARG A 301 -17.85 -11.28 -19.66
C ARG A 301 -17.67 -12.23 -18.49
N ASN A 302 -17.95 -13.52 -18.74
CA ASN A 302 -17.81 -14.58 -17.74
C ASN A 302 -18.78 -14.39 -16.58
N THR A 303 -18.85 -15.39 -15.70
CA THR A 303 -19.66 -15.33 -14.50
C THR A 303 -18.76 -15.08 -13.30
N ALA A 304 -19.37 -14.97 -12.12
CA ALA A 304 -18.59 -14.75 -10.91
C ALA A 304 -18.84 -15.89 -9.92
N TRP A 305 -17.98 -15.98 -8.91
CA TRP A 305 -18.06 -17.05 -7.92
C TRP A 305 -18.07 -16.44 -6.53
N VAL A 306 -19.03 -16.88 -5.71
CA VAL A 306 -19.21 -16.37 -4.36
C VAL A 306 -18.83 -17.48 -3.38
N SER A 307 -18.02 -17.11 -2.38
CA SER A 307 -17.54 -18.02 -1.35
C SER A 307 -17.85 -17.41 0.02
N PHE A 308 -18.34 -18.25 0.92
CA PHE A 308 -18.77 -17.82 2.26
C PHE A 308 -17.80 -18.39 3.28
N ASP A 309 -16.93 -17.53 3.81
CA ASP A 309 -15.96 -17.90 4.84
C ASP A 309 -15.05 -19.03 4.36
N GLY A 310 -14.65 -18.98 3.09
CA GLY A 310 -13.79 -20.01 2.54
C GLY A 310 -14.43 -21.38 2.52
N ARG A 311 -15.68 -21.44 2.06
CA ARG A 311 -16.48 -22.66 2.11
C ARG A 311 -17.21 -22.78 0.77
N LYS A 312 -18.26 -23.60 0.75
CA LYS A 312 -18.99 -23.97 -0.46
C LYS A 312 -19.17 -22.79 -1.40
N ARG A 313 -18.68 -22.94 -2.62
CA ARG A 313 -18.66 -21.87 -3.61
C ARG A 313 -19.82 -22.01 -4.57
N GLN A 314 -20.53 -20.92 -4.80
CA GLN A 314 -21.63 -20.87 -5.77
C GLN A 314 -21.23 -19.99 -6.94
N GLU A 315 -21.96 -20.13 -8.04
CA GLU A 315 -21.74 -19.35 -9.24
C GLU A 315 -22.89 -18.39 -9.45
N ILE A 316 -22.58 -17.10 -9.61
CA ILE A 316 -23.57 -16.07 -9.87
C ILE A 316 -23.43 -15.60 -11.31
N ARG A 317 -24.56 -15.58 -12.02
CA ARG A 317 -24.69 -15.18 -13.41
C ARG A 317 -25.31 -13.79 -13.47
N HIS A 318 -25.70 -13.37 -14.68
CA HIS A 318 -26.24 -12.03 -14.87
C HIS A 318 -27.55 -11.83 -14.10
N GLY A 319 -28.35 -12.87 -13.99
CA GLY A 319 -29.63 -12.78 -13.31
C GLY A 319 -29.58 -12.97 -11.80
N ASP A 320 -28.39 -13.10 -11.23
CA ASP A 320 -28.24 -13.37 -9.80
C ASP A 320 -27.92 -12.09 -9.04
N SER A 321 -28.23 -12.10 -7.75
CA SER A 321 -27.94 -10.97 -6.88
C SER A 321 -27.51 -11.47 -5.51
N ILE A 322 -26.66 -10.69 -4.85
CA ILE A 322 -26.18 -11.00 -3.50
C ILE A 322 -26.50 -9.82 -2.60
N SER A 323 -27.28 -10.08 -1.55
CA SER A 323 -27.69 -9.04 -0.61
C SER A 323 -26.99 -9.27 0.73
N ILE A 324 -26.34 -8.23 1.24
CA ILE A 324 -25.49 -8.33 2.43
C ILE A 324 -25.93 -7.27 3.44
N THR A 325 -26.15 -7.71 4.68
CA THR A 325 -26.47 -6.83 5.79
C THR A 325 -25.72 -7.31 7.03
N THR A 326 -25.87 -6.56 8.13
CA THR A 326 -25.29 -6.96 9.41
C THR A 326 -26.31 -7.78 10.19
N SER A 327 -25.90 -8.98 10.60
CA SER A 327 -26.80 -9.88 11.29
C SER A 327 -27.11 -9.39 12.70
N THR A 328 -28.25 -9.84 13.21
CA THR A 328 -28.66 -9.55 14.59
C THR A 328 -28.19 -10.63 15.56
N TYR A 329 -27.40 -11.59 15.10
CA TYR A 329 -26.93 -12.71 15.91
C TYR A 329 -25.41 -12.73 15.90
N PRO A 330 -24.76 -11.97 16.77
CA PRO A 330 -23.30 -11.97 16.82
C PRO A 330 -22.76 -13.25 17.45
N LEU A 331 -21.46 -13.45 17.31
CA LEU A 331 -20.78 -14.61 17.88
C LEU A 331 -20.07 -14.19 19.16
N PRO A 332 -20.56 -14.58 20.33
CA PRO A 332 -19.84 -14.26 21.58
C PRO A 332 -18.60 -15.12 21.72
N SER A 333 -17.45 -14.47 21.86
CA SER A 333 -16.17 -15.14 22.02
C SER A 333 -15.56 -14.74 23.35
N ILE A 334 -15.33 -15.73 24.22
CA ILE A 334 -14.75 -15.46 25.52
C ILE A 334 -13.27 -15.11 25.36
N CYS A 335 -12.81 -14.12 26.10
CA CYS A 335 -11.45 -13.61 26.00
C CYS A 335 -10.71 -13.82 27.32
N VAL A 336 -9.40 -14.00 27.23
CA VAL A 336 -8.61 -14.34 28.41
C VAL A 336 -8.51 -13.16 29.36
N ARG A 337 -8.22 -11.97 28.86
CA ARG A 337 -8.12 -10.78 29.70
C ARG A 337 -9.18 -9.74 29.37
N ASP A 338 -9.22 -9.25 28.14
CA ASP A 338 -10.14 -8.21 27.70
C ASP A 338 -9.96 -8.03 26.19
N PRO A 339 -10.96 -7.44 25.51
CA PRO A 339 -10.88 -7.36 24.04
C PRO A 339 -9.64 -6.67 23.51
N VAL A 340 -9.27 -5.52 24.08
CA VAL A 340 -8.22 -4.70 23.47
C VAL A 340 -6.86 -5.38 23.58
N SER A 341 -6.50 -5.83 24.78
CA SER A 341 -5.18 -6.43 24.96
C SER A 341 -5.06 -7.74 24.19
N ASP A 342 -6.12 -8.53 24.16
CA ASP A 342 -6.09 -9.77 23.39
C ASP A 342 -5.97 -9.48 21.89
N TRP A 343 -6.69 -8.48 21.40
CA TRP A 343 -6.57 -8.11 19.99
C TRP A 343 -5.16 -7.67 19.65
N PHE A 344 -4.55 -6.84 20.50
CA PHE A 344 -3.20 -6.36 20.21
C PHE A 344 -2.16 -7.46 20.36
N GLU A 345 -2.36 -8.38 21.31
CA GLU A 345 -1.46 -9.53 21.41
C GLU A 345 -1.56 -10.42 20.18
N SER A 346 -2.78 -10.63 19.69
CA SER A 346 -2.95 -11.40 18.45
C SER A 346 -2.27 -10.70 17.29
N LEU A 347 -2.38 -9.38 17.20
CA LEU A 347 -1.70 -8.63 16.16
C LEU A 347 -0.19 -8.78 16.26
N ALA A 348 0.34 -8.73 17.47
CA ALA A 348 1.79 -8.81 17.67
C ALA A 348 2.31 -10.21 17.35
N GLN A 349 1.60 -11.26 17.76
CA GLN A 349 2.11 -12.61 17.59
C GLN A 349 1.82 -13.15 16.18
N CYS A 350 0.57 -13.07 15.74
CA CYS A 350 0.19 -13.68 14.47
C CYS A 350 0.72 -12.87 13.28
N LEU A 351 0.30 -11.62 13.18
CA LEU A 351 0.60 -10.80 12.01
C LEU A 351 1.89 -10.01 12.14
N HIS A 352 2.55 -10.05 13.30
CA HIS A 352 3.79 -9.30 13.53
C HIS A 352 3.60 -7.82 13.21
N TRP A 353 2.57 -7.23 13.81
CA TRP A 353 2.22 -5.84 13.56
C TRP A 353 3.20 -4.93 14.29
N ASN A 354 3.99 -4.16 13.54
CA ASN A 354 4.96 -3.21 14.07
C ASN A 354 5.99 -3.92 14.96
N VAL A 355 6.78 -4.79 14.33
CA VAL A 355 7.90 -5.44 15.00
C VAL A 355 9.16 -4.63 14.74
N ARG A 356 9.92 -4.37 15.81
CA ARG A 356 11.13 -3.56 15.74
C ARG A 356 10.86 -2.19 15.15
N THR B 7 -28.99 18.63 21.81
CA THR B 7 -29.04 20.02 21.41
C THR B 7 -27.75 20.44 20.70
N PHE B 8 -27.90 21.24 19.65
CA PHE B 8 -26.77 21.75 18.86
C PHE B 8 -27.00 23.24 18.63
N GLY B 9 -26.46 24.06 19.52
CA GLY B 9 -26.69 25.48 19.47
C GLY B 9 -27.84 25.90 20.35
N PRO B 10 -28.07 27.21 20.46
CA PRO B 10 -29.16 27.71 21.32
C PRO B 10 -30.54 27.19 20.92
N LYS B 11 -30.80 27.01 19.62
CA LYS B 11 -32.14 26.66 19.16
C LYS B 11 -32.18 25.38 18.34
N ALA B 12 -31.18 25.13 17.50
CA ALA B 12 -31.20 23.97 16.63
C ALA B 12 -31.08 22.68 17.44
N THR B 13 -31.78 21.64 16.98
CA THR B 13 -31.77 20.34 17.65
C THR B 13 -32.16 19.27 16.63
N VAL B 14 -31.91 18.03 17.00
CA VAL B 14 -32.25 16.90 16.15
C VAL B 14 -33.40 16.11 16.76
N VAL B 22 -31.20 11.33 10.08
CA VAL B 22 -31.08 12.38 11.07
C VAL B 22 -31.53 13.72 10.49
N ARG B 23 -32.70 14.18 10.94
CA ARG B 23 -33.28 15.41 10.47
C ARG B 23 -32.96 16.56 11.43
N LEU B 24 -33.15 17.78 10.93
CA LEU B 24 -32.84 19.00 11.68
C LEU B 24 -34.15 19.71 12.01
N THR B 25 -34.35 19.98 13.30
CA THR B 25 -35.55 20.67 13.78
C THR B 25 -35.12 21.92 14.55
N TRP B 26 -35.74 23.04 14.22
CA TRP B 26 -35.35 24.33 14.80
C TRP B 26 -36.05 24.65 16.11
N ASN B 27 -37.24 24.09 16.35
CA ASN B 27 -38.05 24.40 17.51
C ASN B 27 -38.44 25.89 17.48
N LYS B 28 -37.46 26.76 17.65
CA LYS B 28 -37.64 28.19 17.47
C LYS B 28 -37.01 28.62 16.15
N SER B 29 -37.67 29.54 15.46
CA SER B 29 -37.20 29.96 14.14
C SER B 29 -35.82 30.60 14.26
N PRO B 30 -34.86 30.21 13.42
CA PRO B 30 -33.52 30.79 13.52
C PRO B 30 -33.54 32.28 13.22
N LYS B 31 -32.72 33.03 13.96
CA LYS B 31 -32.61 34.47 13.80
C LYS B 31 -31.18 34.98 13.74
N SER B 32 -30.19 34.23 14.22
CA SER B 32 -28.80 34.64 14.18
C SER B 32 -28.01 33.64 13.35
N VAL B 33 -27.26 34.14 12.38
CA VAL B 33 -26.47 33.30 11.48
C VAL B 33 -25.07 33.89 11.38
N LEU B 34 -24.06 33.03 11.36
CA LEU B 34 -22.67 33.43 11.26
C LEU B 34 -22.13 33.02 9.89
N VAL B 35 -21.54 33.98 9.18
CA VAL B 35 -20.93 33.75 7.89
C VAL B 35 -19.42 33.85 8.05
N ILE B 36 -18.70 32.83 7.57
CA ILE B 36 -17.26 32.76 7.69
C ILE B 36 -16.66 32.81 6.30
N LYS B 37 -15.74 33.75 6.09
CA LYS B 37 -15.11 33.95 4.79
C LYS B 37 -13.67 33.46 4.83
N LYS B 38 -13.20 32.93 3.70
CA LYS B 38 -11.87 32.33 3.60
C LYS B 38 -10.80 33.42 3.50
N MET B 39 -10.72 34.21 4.58
CA MET B 39 -9.71 35.26 4.74
C MET B 39 -9.61 36.16 3.52
N ARG B 40 -8.41 36.23 2.93
CA ARG B 40 -8.17 37.07 1.75
C ARG B 40 -8.35 36.21 0.50
N ASP B 41 -9.54 36.29 -0.10
CA ASP B 41 -9.83 35.59 -1.35
C ASP B 41 -10.69 36.51 -2.20
N ALA B 42 -10.12 37.02 -3.29
CA ALA B 42 -10.81 38.03 -4.08
C ALA B 42 -12.05 37.48 -4.77
N SER B 43 -12.11 36.16 -4.96
CA SER B 43 -13.25 35.55 -5.65
C SER B 43 -14.49 35.45 -4.78
N LEU B 44 -14.37 35.63 -3.47
CA LEU B 44 -15.49 35.45 -2.56
C LEU B 44 -16.16 36.76 -2.16
N LEU B 45 -15.69 37.91 -2.67
CA LEU B 45 -16.27 39.18 -2.27
C LEU B 45 -17.71 39.31 -2.77
N GLN B 46 -17.93 39.06 -4.06
CA GLN B 46 -19.29 39.15 -4.59
C GLN B 46 -20.24 38.15 -3.96
N PRO B 47 -19.91 36.85 -3.84
CA PRO B 47 -20.82 35.95 -3.12
C PRO B 47 -21.07 36.36 -1.68
N PHE B 48 -20.04 36.87 -0.99
CA PHE B 48 -20.23 37.31 0.39
C PHE B 48 -21.21 38.45 0.48
N LYS B 49 -21.04 39.46 -0.37
CA LYS B 49 -21.96 40.60 -0.36
C LYS B 49 -23.37 40.17 -0.72
N GLU B 50 -23.52 39.31 -1.74
CA GLU B 50 -24.85 38.86 -2.14
C GLU B 50 -25.52 38.09 -1.01
N LEU B 51 -24.79 37.18 -0.37
CA LEU B 51 -25.37 36.39 0.71
C LEU B 51 -25.73 37.25 1.91
N CYS B 52 -24.86 38.21 2.26
CA CYS B 52 -25.16 39.07 3.40
C CYS B 52 -26.34 39.98 3.10
N THR B 53 -26.47 40.46 1.86
CA THR B 53 -27.63 41.27 1.48
C THR B 53 -28.91 40.45 1.55
N HIS B 54 -28.87 39.21 1.08
CA HIS B 54 -30.07 38.37 1.13
C HIS B 54 -30.44 38.02 2.56
N LEU B 55 -29.47 37.67 3.39
CA LEU B 55 -29.77 37.21 4.74
C LEU B 55 -30.42 38.30 5.59
N MET B 56 -30.15 39.57 5.28
CA MET B 56 -30.78 40.68 5.98
C MET B 56 -31.94 41.28 5.20
N GLU B 57 -32.60 40.48 4.36
CA GLU B 57 -33.89 40.85 3.80
C GLU B 57 -35.04 40.10 4.43
N GLU B 58 -34.77 39.06 5.21
CA GLU B 58 -35.78 38.40 6.05
C GLU B 58 -35.66 38.84 7.51
N ASN B 59 -35.02 39.98 7.77
CA ASN B 59 -34.87 40.52 9.12
C ASN B 59 -34.21 39.51 10.06
N MET B 60 -33.14 38.90 9.57
CA MET B 60 -32.42 37.86 10.31
C MET B 60 -31.02 38.35 10.63
N ILE B 61 -30.65 38.29 11.91
CA ILE B 61 -29.39 38.85 12.38
C ILE B 61 -28.23 38.03 11.82
N VAL B 62 -27.18 38.72 11.40
CA VAL B 62 -26.00 38.09 10.82
C VAL B 62 -24.77 38.47 11.64
N TYR B 63 -23.81 37.55 11.72
CA TYR B 63 -22.56 37.76 12.44
C TYR B 63 -21.39 37.61 11.49
N VAL B 64 -20.40 38.48 11.64
CA VAL B 64 -19.21 38.50 10.78
C VAL B 64 -17.98 38.72 11.65
N GLU B 65 -16.88 38.06 11.27
CA GLU B 65 -15.60 38.33 11.91
C GLU B 65 -15.22 39.80 11.73
N LYS B 66 -14.60 40.38 12.78
CA LYS B 66 -14.22 41.78 12.72
C LYS B 66 -13.19 42.04 11.62
N LYS B 67 -12.25 41.11 11.43
CA LYS B 67 -11.21 41.31 10.42
C LYS B 67 -11.77 41.33 9.00
N VAL B 68 -12.94 40.73 8.77
CA VAL B 68 -13.54 40.76 7.44
C VAL B 68 -13.97 42.18 7.08
N LEU B 69 -14.57 42.90 8.04
CA LEU B 69 -14.93 44.29 7.80
C LEU B 69 -13.70 45.19 7.74
N GLU B 70 -12.59 44.78 8.33
CA GLU B 70 -11.34 45.54 8.27
C GLU B 70 -10.68 45.43 6.90
N ASP B 71 -11.17 44.55 6.02
CA ASP B 71 -10.59 44.38 4.70
C ASP B 71 -10.61 45.70 3.95
N PRO B 72 -9.48 46.14 3.39
CA PRO B 72 -9.51 47.38 2.59
C PRO B 72 -10.50 47.34 1.45
N ALA B 73 -10.65 46.21 0.77
CA ALA B 73 -11.59 46.12 -0.33
C ALA B 73 -12.95 45.60 0.12
N ILE B 74 -13.49 46.17 1.20
CA ILE B 74 -14.87 45.95 1.57
C ILE B 74 -15.60 47.24 1.91
N ALA B 75 -14.89 48.33 2.21
CA ALA B 75 -15.51 49.63 2.47
C ALA B 75 -15.38 50.58 1.28
N SER B 76 -14.56 50.23 0.29
CA SER B 76 -14.44 51.07 -0.90
C SER B 76 -15.76 51.15 -1.65
N ASP B 77 -16.47 50.03 -1.75
CA ASP B 77 -17.78 50.00 -2.38
C ASP B 77 -18.81 50.55 -1.41
N GLU B 78 -19.32 51.75 -1.70
CA GLU B 78 -20.30 52.38 -0.82
C GLU B 78 -21.69 51.76 -0.96
N SER B 79 -21.93 50.98 -2.00
CA SER B 79 -23.22 50.31 -2.15
C SER B 79 -23.43 49.30 -1.02
N PHE B 80 -22.38 48.56 -0.66
CA PHE B 80 -22.46 47.61 0.43
C PHE B 80 -22.34 48.25 1.81
N GLY B 81 -21.99 49.53 1.88
CA GLY B 81 -21.80 50.17 3.16
C GLY B 81 -23.08 50.25 3.97
N ALA B 82 -24.20 50.55 3.31
CA ALA B 82 -25.49 50.59 4.01
C ALA B 82 -25.88 49.21 4.52
N VAL B 83 -25.64 48.18 3.71
CA VAL B 83 -25.88 46.81 4.15
C VAL B 83 -24.90 46.41 5.25
N LYS B 84 -23.67 46.96 5.21
CA LYS B 84 -22.66 46.59 6.19
C LYS B 84 -23.04 47.01 7.60
N LYS B 85 -23.69 48.17 7.76
CA LYS B 85 -23.90 48.76 9.08
C LYS B 85 -24.83 47.93 9.98
N LYS B 86 -25.30 46.77 9.53
CA LYS B 86 -26.17 45.92 10.33
C LYS B 86 -25.50 44.59 10.67
N PHE B 87 -24.18 44.60 10.85
CA PHE B 87 -23.42 43.42 11.20
C PHE B 87 -23.22 43.36 12.71
N THR B 88 -23.55 42.21 13.30
CA THR B 88 -23.28 41.97 14.72
C THR B 88 -21.86 41.42 14.87
N THR B 89 -20.90 42.31 14.64
CA THR B 89 -19.51 41.91 14.55
C THR B 89 -18.94 41.50 15.90
N PHE B 90 -17.90 40.69 15.86
CA PHE B 90 -17.16 40.26 17.05
C PHE B 90 -15.68 40.23 16.73
N ARG B 91 -14.86 40.48 17.74
CA ARG B 91 -13.43 40.67 17.56
C ARG B 91 -12.61 39.43 17.89
N SER B 98 -20.16 31.67 21.47
CA SER B 98 -21.03 30.59 21.90
C SER B 98 -22.42 31.14 22.22
N ASN B 99 -23.37 30.21 22.38
CA ASN B 99 -24.77 30.44 22.75
C ASN B 99 -25.37 31.69 22.14
N GLN B 100 -25.01 32.00 20.88
CA GLN B 100 -25.56 33.15 20.18
C GLN B 100 -25.89 32.89 18.72
N ILE B 101 -25.43 31.79 18.13
CA ILE B 101 -25.57 31.54 16.69
C ILE B 101 -26.47 30.33 16.48
N ASP B 102 -27.49 30.49 15.64
CA ASP B 102 -28.40 29.39 15.35
C ASP B 102 -27.80 28.40 14.36
N PHE B 103 -27.21 28.90 13.27
CA PHE B 103 -26.52 28.06 12.31
C PHE B 103 -25.51 28.89 11.54
N ILE B 104 -24.59 28.20 10.89
CA ILE B 104 -23.43 28.81 10.26
C ILE B 104 -23.46 28.56 8.76
N ILE B 105 -23.14 29.58 7.98
CA ILE B 105 -22.93 29.46 6.54
C ILE B 105 -21.46 29.70 6.25
N CYS B 106 -20.81 28.77 5.57
CA CYS B 106 -19.37 28.81 5.33
C CYS B 106 -19.10 29.00 3.84
N LEU B 107 -18.15 29.88 3.54
CA LEU B 107 -17.73 30.16 2.17
C LEU B 107 -16.22 30.01 2.07
N GLY B 108 -15.76 29.25 1.08
CA GLY B 108 -14.34 29.23 0.77
C GLY B 108 -13.72 27.87 0.52
N GLY B 109 -14.16 26.84 1.23
CA GLY B 109 -13.60 25.52 1.05
C GLY B 109 -13.51 24.78 2.36
N ASP B 110 -12.74 23.70 2.35
CA ASP B 110 -12.66 22.81 3.50
C ASP B 110 -12.04 23.51 4.71
N GLY B 111 -10.95 24.25 4.49
CA GLY B 111 -10.24 24.86 5.60
C GLY B 111 -11.09 25.83 6.39
N THR B 112 -12.12 26.40 5.78
CA THR B 112 -13.05 27.25 6.52
C THR B 112 -13.80 26.45 7.57
N LEU B 113 -14.29 25.26 7.20
CA LEU B 113 -15.05 24.45 8.15
C LEU B 113 -14.26 24.14 9.40
N LEU B 114 -13.00 23.74 9.22
CA LEU B 114 -12.11 23.51 10.35
C LEU B 114 -12.06 24.74 11.25
N TYR B 115 -11.90 25.92 10.64
CA TYR B 115 -11.86 27.15 11.42
C TYR B 115 -13.15 27.34 12.21
N ALA B 116 -14.29 26.95 11.64
CA ALA B 116 -15.55 27.01 12.38
C ALA B 116 -15.46 26.15 13.64
N SER B 117 -14.94 24.93 13.51
CA SER B 117 -14.78 24.08 14.67
C SER B 117 -13.83 24.70 15.70
N SER B 118 -12.92 25.57 15.25
CA SER B 118 -12.04 26.25 16.20
C SER B 118 -12.81 27.27 17.03
N LEU B 119 -13.83 27.90 16.45
CA LEU B 119 -14.55 28.94 17.16
C LEU B 119 -15.54 28.40 18.19
N PHE B 120 -15.96 27.15 18.04
CA PHE B 120 -16.96 26.54 18.92
C PHE B 120 -16.32 25.32 19.60
N GLN B 121 -15.68 25.56 20.75
CA GLN B 121 -15.07 24.49 21.51
C GLN B 121 -16.09 23.65 22.26
N GLY B 122 -17.35 24.08 22.31
CA GLY B 122 -18.41 23.30 22.91
C GLY B 122 -19.44 22.85 21.87
N SER B 123 -20.71 23.12 22.15
CA SER B 123 -21.76 22.77 21.20
C SER B 123 -21.63 23.59 19.93
N VAL B 124 -21.79 22.94 18.79
CA VAL B 124 -21.59 23.55 17.48
C VAL B 124 -22.94 23.62 16.77
N PRO B 125 -23.38 24.79 16.34
CA PRO B 125 -24.62 24.88 15.56
C PRO B 125 -24.41 24.28 14.17
N PRO B 126 -25.50 23.89 13.49
CA PRO B 126 -25.35 23.29 12.16
C PRO B 126 -24.68 24.25 11.19
N VAL B 127 -23.92 23.69 10.26
CA VAL B 127 -23.12 24.46 9.32
C VAL B 127 -23.54 24.12 7.90
N MET B 128 -23.73 25.16 7.08
CA MET B 128 -24.09 25.01 5.68
C MET B 128 -22.89 25.52 4.86
N ALA B 129 -22.02 24.59 4.47
CA ALA B 129 -20.78 24.95 3.79
C ALA B 129 -21.02 25.12 2.29
N PHE B 130 -20.44 26.18 1.74
CA PHE B 130 -20.52 26.48 0.31
C PHE B 130 -19.13 26.39 -0.31
N HIS B 131 -19.07 25.83 -1.51
CA HIS B 131 -17.80 25.71 -2.25
C HIS B 131 -17.79 26.76 -3.35
N LEU B 132 -16.96 27.79 -3.17
CA LEU B 132 -16.80 28.87 -4.13
C LEU B 132 -15.37 28.86 -4.63
N GLY B 133 -15.20 28.63 -5.94
CA GLY B 133 -13.87 28.59 -6.51
C GLY B 133 -13.05 27.37 -6.13
N SER B 134 -13.64 26.42 -5.41
CA SER B 134 -12.96 25.20 -5.01
C SER B 134 -13.98 24.07 -5.00
N LEU B 135 -13.48 22.85 -5.18
CA LEU B 135 -14.39 21.71 -5.24
C LEU B 135 -14.77 21.26 -3.83
N GLY B 136 -13.78 20.86 -3.03
CA GLY B 136 -13.99 20.61 -1.61
C GLY B 136 -14.66 19.30 -1.28
N PHE B 137 -14.26 18.68 -0.17
CA PHE B 137 -14.86 17.45 0.32
C PHE B 137 -16.02 17.71 1.28
N LEU B 138 -15.81 18.62 2.24
CA LEU B 138 -16.81 18.92 3.25
C LEU B 138 -17.70 20.10 2.88
N THR B 139 -17.62 20.59 1.65
CA THR B 139 -18.41 21.71 1.17
C THR B 139 -19.27 21.24 0.00
N PRO B 140 -20.48 20.74 0.26
CA PRO B 140 -21.30 20.15 -0.81
C PRO B 140 -22.26 21.09 -1.50
N PHE B 141 -22.48 22.30 -0.99
CA PHE B 141 -23.51 23.19 -1.53
C PHE B 141 -22.92 24.08 -2.61
N SER B 142 -23.53 24.04 -3.79
CA SER B 142 -23.16 24.95 -4.87
C SER B 142 -23.83 26.31 -4.66
N PHE B 143 -23.10 27.38 -5.00
CA PHE B 143 -23.61 28.72 -4.75
C PHE B 143 -24.75 29.11 -5.68
N GLU B 144 -24.90 28.42 -6.81
CA GLU B 144 -26.00 28.73 -7.71
C GLU B 144 -27.34 28.42 -7.05
N ASN B 145 -28.31 29.30 -7.25
CA ASN B 145 -29.64 29.16 -6.66
C ASN B 145 -29.57 29.00 -5.15
N PHE B 146 -28.72 29.79 -4.51
CA PHE B 146 -28.53 29.67 -3.07
C PHE B 146 -29.72 30.18 -2.28
N GLN B 147 -30.57 31.03 -2.88
CA GLN B 147 -31.74 31.55 -2.18
C GLN B 147 -32.65 30.41 -1.73
N SER B 148 -33.00 29.52 -2.66
CA SER B 148 -33.90 28.41 -2.32
C SER B 148 -33.27 27.46 -1.32
N GLN B 149 -31.96 27.20 -1.44
CA GLN B 149 -31.30 26.29 -0.51
C GLN B 149 -31.27 26.86 0.91
N VAL B 150 -30.93 28.14 1.03
CA VAL B 150 -30.92 28.77 2.35
C VAL B 150 -32.33 28.83 2.92
N THR B 151 -33.34 29.10 2.08
CA THR B 151 -34.71 29.12 2.56
C THR B 151 -35.13 27.74 3.05
N GLN B 152 -34.79 26.68 2.32
CA GLN B 152 -35.13 25.34 2.74
C GLN B 152 -34.44 24.97 4.06
N VAL B 153 -33.19 25.39 4.22
CA VAL B 153 -32.48 25.14 5.47
C VAL B 153 -33.16 25.89 6.62
N ILE B 154 -33.56 27.13 6.39
CA ILE B 154 -34.20 27.92 7.43
C ILE B 154 -35.53 27.30 7.83
N GLU B 155 -36.30 26.80 6.85
CA GLU B 155 -37.59 26.20 7.16
C GLU B 155 -37.45 25.00 8.08
N GLY B 156 -36.46 24.15 7.83
CA GLY B 156 -36.21 23.00 8.68
C GLY B 156 -36.31 21.68 7.96
N ASN B 157 -36.35 21.71 6.63
CA ASN B 157 -36.41 20.50 5.82
C ASN B 157 -35.01 20.23 5.26
N ALA B 158 -34.19 19.59 6.08
CA ALA B 158 -32.82 19.29 5.69
C ALA B 158 -32.28 18.20 6.60
N ALA B 159 -31.33 17.42 6.07
CA ALA B 159 -30.67 16.36 6.82
C ALA B 159 -29.23 16.76 7.12
N VAL B 160 -28.70 16.23 8.22
CA VAL B 160 -27.36 16.56 8.68
C VAL B 160 -26.61 15.28 9.00
N VAL B 161 -25.28 15.40 9.07
CA VAL B 161 -24.41 14.32 9.52
C VAL B 161 -23.69 14.80 10.78
N LEU B 162 -23.68 13.95 11.81
CA LEU B 162 -23.05 14.29 13.08
C LEU B 162 -21.59 13.87 13.01
N ARG B 163 -20.74 14.78 12.56
CA ARG B 163 -19.31 14.51 12.41
C ARG B 163 -18.65 14.52 13.79
N SER B 164 -18.01 13.40 14.13
CA SER B 164 -17.36 13.30 15.43
C SER B 164 -16.10 14.16 15.48
N ARG B 165 -15.75 14.60 16.68
CA ARG B 165 -14.55 15.40 16.92
C ARG B 165 -13.75 14.75 18.03
N LEU B 166 -12.46 15.06 18.07
CA LEU B 166 -11.56 14.52 19.09
C LEU B 166 -11.26 15.59 20.13
N LYS B 167 -11.47 15.23 21.39
CA LYS B 167 -11.09 16.07 22.53
C LYS B 167 -9.66 15.72 22.91
N VAL B 168 -8.78 16.72 22.89
CA VAL B 168 -7.35 16.54 23.10
C VAL B 168 -6.91 17.42 24.26
N ARG B 169 -6.21 16.82 25.22
CA ARG B 169 -5.70 17.51 26.40
C ARG B 169 -4.20 17.34 26.43
N VAL B 170 -3.47 18.46 26.46
CA VAL B 170 -2.01 18.45 26.50
C VAL B 170 -1.58 18.77 27.92
N VAL B 171 -0.82 17.87 28.54
CA VAL B 171 -0.36 18.03 29.91
C VAL B 171 1.15 18.26 29.87
N LYS B 172 1.58 19.38 30.45
CA LYS B 172 2.98 19.78 30.48
C LYS B 172 3.49 19.73 31.92
N GLU B 173 4.70 19.19 32.10
CA GLU B 173 5.32 19.09 33.41
C GLU B 173 6.15 20.33 33.70
N GLN B 202 0.20 22.58 33.15
CA GLN B 202 -0.51 23.50 32.27
C GLN B 202 -1.40 22.74 31.29
N ALA B 203 -2.64 22.51 31.69
CA ALA B 203 -3.59 21.80 30.83
C ALA B 203 -4.13 22.72 29.75
N MET B 204 -4.27 22.18 28.54
CA MET B 204 -4.79 22.93 27.41
C MET B 204 -5.71 22.01 26.61
N GLN B 205 -7.00 22.34 26.58
CA GLN B 205 -7.98 21.52 25.88
C GLN B 205 -8.16 22.01 24.44
N TYR B 206 -8.51 21.07 23.56
CA TYR B 206 -8.71 21.35 22.15
C TYR B 206 -9.77 20.39 21.62
N GLN B 207 -10.52 20.86 20.62
CA GLN B 207 -11.45 20.01 19.88
C GLN B 207 -11.05 20.07 18.41
N VAL B 208 -10.69 18.91 17.86
CA VAL B 208 -10.21 18.84 16.48
C VAL B 208 -11.22 18.06 15.65
N LEU B 209 -11.25 18.37 14.35
CA LEU B 209 -12.20 17.77 13.42
C LEU B 209 -11.57 16.74 12.50
N ASN B 210 -10.39 17.00 11.97
CA ASN B 210 -9.76 16.06 11.03
C ASN B 210 -8.80 15.10 11.72
N GLU B 211 -7.72 15.60 12.32
CA GLU B 211 -6.81 14.74 13.06
C GLU B 211 -5.97 15.58 14.03
N VAL B 212 -5.12 14.89 14.77
CA VAL B 212 -4.00 15.47 15.51
C VAL B 212 -2.73 14.79 15.02
N VAL B 213 -1.74 15.59 14.63
CA VAL B 213 -0.51 15.07 14.05
C VAL B 213 0.64 15.30 15.02
N ILE B 214 1.29 14.23 15.43
CA ILE B 214 2.47 14.29 16.30
C ILE B 214 3.66 13.89 15.44
N ASP B 215 4.38 14.89 14.92
CA ASP B 215 5.46 14.63 13.97
C ASP B 215 6.78 15.26 14.41
N ARG B 216 7.75 15.33 13.50
CA ARG B 216 8.98 16.05 13.75
C ARG B 216 8.95 17.39 13.01
N GLY B 217 9.59 18.40 13.60
CA GLY B 217 9.70 19.69 12.97
C GLY B 217 10.97 19.81 12.15
N PRO B 218 11.89 20.67 12.59
CA PRO B 218 13.15 20.84 11.86
C PRO B 218 14.07 19.63 11.93
N SER B 219 13.79 18.67 12.81
CA SER B 219 14.65 17.49 12.93
C SER B 219 14.65 16.68 11.65
N SER B 220 15.82 16.16 11.28
CA SER B 220 15.96 15.29 10.11
C SER B 220 16.07 13.82 10.47
N TYR B 221 16.07 13.48 11.75
CA TYR B 221 16.17 12.09 12.18
C TYR B 221 14.77 11.53 12.46
N LEU B 222 14.72 10.21 12.65
CA LEU B 222 13.45 9.56 12.94
C LEU B 222 12.90 10.01 14.29
N SER B 223 11.58 10.02 14.41
CA SER B 223 10.90 10.39 15.64
C SER B 223 10.38 9.13 16.31
N ASN B 224 10.60 9.04 17.62
CA ASN B 224 10.30 7.84 18.39
C ASN B 224 9.24 8.22 19.41
N VAL B 225 7.98 7.82 19.19
CA VAL B 225 6.95 8.18 20.15
C VAL B 225 6.10 6.96 20.53
N ASP B 226 5.73 6.89 21.81
CA ASP B 226 4.98 5.78 22.37
C ASP B 226 3.50 6.15 22.43
N VAL B 227 2.64 5.19 22.11
CA VAL B 227 1.19 5.39 22.19
C VAL B 227 0.60 4.35 23.13
N TYR B 228 -0.28 4.79 24.01
CA TYR B 228 -0.96 3.95 24.99
C TYR B 228 -2.46 4.01 24.73
N LEU B 229 -3.13 2.87 24.91
CA LEU B 229 -4.58 2.82 24.80
C LEU B 229 -5.12 2.22 26.10
N ASP B 230 -5.95 3.00 26.81
CA ASP B 230 -6.52 2.59 28.09
C ASP B 230 -5.44 2.20 29.09
N GLY B 231 -4.34 2.94 29.09
CA GLY B 231 -3.24 2.69 30.00
C GLY B 231 -2.31 1.57 29.59
N HIS B 232 -2.50 0.97 28.42
CA HIS B 232 -1.70 -0.14 27.96
C HIS B 232 -0.85 0.30 26.76
N LEU B 233 0.45 0.06 26.84
CA LEU B 233 1.37 0.43 25.76
C LEU B 233 1.11 -0.49 24.58
N ILE B 234 0.43 0.03 23.55
CA ILE B 234 0.13 -0.79 22.39
C ILE B 234 1.32 -0.87 21.45
N THR B 235 1.96 0.26 21.16
CA THR B 235 3.14 0.25 20.31
C THR B 235 3.92 1.55 20.46
N THR B 236 5.12 1.53 19.90
CA THR B 236 5.94 2.71 19.66
C THR B 236 6.17 2.85 18.17
N VAL B 237 6.11 4.08 17.67
CA VAL B 237 6.26 4.33 16.25
C VAL B 237 7.59 5.03 16.01
N GLN B 238 8.24 4.59 14.93
CA GLN B 238 9.63 4.86 14.57
C GLN B 238 9.60 5.53 13.20
N GLY B 239 9.33 6.82 13.16
CA GLY B 239 9.23 7.49 11.86
C GLY B 239 8.81 8.94 12.00
N ASP B 240 8.09 9.41 10.99
CA ASP B 240 7.68 10.81 10.95
C ASP B 240 6.68 11.12 12.05
N GLY B 241 5.64 10.30 12.19
CA GLY B 241 4.66 10.52 13.24
C GLY B 241 3.39 9.74 13.02
N VAL B 242 2.34 10.16 13.72
CA VAL B 242 1.04 9.50 13.69
C VAL B 242 -0.04 10.51 13.33
N ILE B 243 -1.14 10.00 12.77
CA ILE B 243 -2.22 10.82 12.25
C ILE B 243 -3.54 10.45 12.92
N VAL B 244 -3.51 10.19 14.23
CA VAL B 244 -4.73 9.85 14.96
C VAL B 244 -5.84 10.83 14.59
N SER B 245 -6.97 10.30 14.12
CA SER B 245 -7.92 11.09 13.36
C SER B 245 -9.34 10.64 13.64
N THR B 246 -10.29 11.36 13.06
CA THR B 246 -11.71 11.05 13.03
C THR B 246 -12.07 10.40 11.71
N PRO B 247 -13.27 9.83 11.59
CA PRO B 247 -13.74 9.41 10.26
C PRO B 247 -13.76 10.54 9.25
N THR B 248 -14.11 11.75 9.68
CA THR B 248 -14.07 12.91 8.78
C THR B 248 -12.67 13.15 8.25
N GLY B 249 -11.66 12.93 9.09
CA GLY B 249 -10.28 13.02 8.68
C GLY B 249 -9.74 11.79 8.00
N SER B 250 -10.58 10.78 7.76
CA SER B 250 -10.13 9.59 7.06
C SER B 250 -9.71 9.89 5.64
N THR B 251 -10.38 10.85 4.99
CA THR B 251 -10.02 11.30 3.65
C THR B 251 -8.97 12.40 3.66
N ALA B 252 -8.59 12.88 4.83
CA ALA B 252 -7.58 13.92 5.01
C ALA B 252 -6.18 13.32 4.98
N TYR B 253 -5.21 14.06 5.51
CA TYR B 253 -3.80 13.68 5.60
C TYR B 253 -3.61 12.22 6.00
N ALA B 254 -4.56 11.66 6.75
CA ALA B 254 -4.52 10.22 7.02
C ALA B 254 -4.60 9.40 5.74
N ALA B 255 -5.48 9.79 4.81
CA ALA B 255 -5.60 9.08 3.54
C ALA B 255 -4.32 9.18 2.73
N ALA B 256 -3.57 10.27 2.88
CA ALA B 256 -2.32 10.41 2.14
C ALA B 256 -1.29 9.40 2.59
N ALA B 257 -1.35 8.96 3.84
CA ALA B 257 -0.40 8.01 4.39
C ALA B 257 -0.82 6.56 4.22
N GLY B 258 -1.93 6.30 3.52
CA GLY B 258 -2.38 4.95 3.27
C GLY B 258 -3.58 4.50 4.08
N ALA B 259 -4.22 5.38 4.84
CA ALA B 259 -5.38 4.99 5.61
C ALA B 259 -6.60 4.81 4.71
N SER B 260 -7.50 3.93 5.14
CA SER B 260 -8.72 3.67 4.40
C SER B 260 -9.75 4.77 4.65
N MET B 261 -10.71 4.89 3.74
CA MET B 261 -11.80 5.84 3.92
C MET B 261 -12.87 5.22 4.81
N ILE B 262 -13.27 5.98 5.84
CA ILE B 262 -14.34 5.57 6.75
C ILE B 262 -15.46 6.61 6.67
N HIS B 263 -16.67 6.13 6.46
CA HIS B 263 -17.82 7.02 6.39
C HIS B 263 -18.00 7.74 7.73
N PRO B 264 -18.36 9.03 7.70
CA PRO B 264 -18.49 9.78 8.97
C PRO B 264 -19.58 9.26 9.88
N ASN B 265 -20.37 8.28 9.46
CA ASN B 265 -21.39 7.68 10.31
C ASN B 265 -20.89 6.45 11.06
N VAL B 266 -19.61 6.11 10.93
CA VAL B 266 -19.03 4.95 11.59
C VAL B 266 -18.26 5.45 12.81
N PRO B 267 -18.68 5.11 14.03
CA PRO B 267 -17.96 5.58 15.22
C PRO B 267 -16.64 4.85 15.45
N ALA B 268 -15.53 5.52 15.19
CA ALA B 268 -14.21 4.93 15.40
C ALA B 268 -13.17 6.05 15.47
N ILE B 269 -11.99 5.69 15.98
CA ILE B 269 -10.83 6.57 15.99
C ILE B 269 -9.72 5.87 15.23
N MET B 270 -9.12 6.57 14.27
CA MET B 270 -8.11 5.98 13.41
C MET B 270 -6.72 6.28 13.94
N ILE B 271 -5.80 5.36 13.71
CA ILE B 271 -4.37 5.56 13.98
C ILE B 271 -3.61 5.19 12.71
N THR B 272 -2.93 6.17 12.12
CA THR B 272 -2.22 6.00 10.87
C THR B 272 -0.81 6.58 11.01
N PRO B 273 0.22 5.89 10.54
CA PRO B 273 1.58 6.41 10.62
C PRO B 273 1.82 7.48 9.57
N ILE B 274 3.06 7.93 9.51
CA ILE B 274 3.55 8.81 8.44
C ILE B 274 4.88 8.21 8.00
N CYS B 275 4.84 7.37 6.98
CA CYS B 275 6.04 6.72 6.46
C CYS B 275 6.80 6.01 7.58
N PRO B 276 6.22 4.98 8.20
CA PRO B 276 6.93 4.30 9.29
C PRO B 276 8.13 3.53 8.77
N HIS B 277 9.15 3.42 9.63
CA HIS B 277 10.34 2.66 9.26
C HIS B 277 10.10 1.19 9.58
N SER B 278 8.99 0.65 9.09
CA SER B 278 8.61 -0.73 9.30
C SER B 278 7.62 -1.11 8.21
N LEU B 279 7.75 -2.32 7.68
CA LEU B 279 6.90 -2.78 6.60
C LEU B 279 5.56 -3.31 7.06
N SER B 280 5.34 -3.47 8.37
CA SER B 280 4.16 -4.14 8.88
C SER B 280 3.35 -3.29 9.85
N PHE B 281 3.46 -1.96 9.81
CA PHE B 281 2.68 -1.12 10.70
C PHE B 281 1.47 -0.62 9.90
N ARG B 282 0.51 -1.52 9.73
CA ARG B 282 -0.72 -1.18 9.02
C ARG B 282 -1.57 -0.25 9.88
N PRO B 283 -2.21 0.76 9.28
CA PRO B 283 -3.09 1.64 10.06
C PRO B 283 -4.24 0.88 10.68
N ILE B 284 -4.65 1.32 11.86
CA ILE B 284 -5.63 0.59 12.67
C ILE B 284 -6.79 1.53 13.00
N VAL B 285 -7.90 0.94 13.43
CA VAL B 285 -9.01 1.68 14.00
C VAL B 285 -9.29 1.13 15.39
N VAL B 286 -9.86 1.97 16.24
CA VAL B 286 -10.20 1.61 17.61
C VAL B 286 -11.58 2.16 17.94
N PRO B 287 -12.27 1.55 18.91
CA PRO B 287 -13.59 2.06 19.30
C PRO B 287 -13.52 3.49 19.78
N ALA B 288 -14.60 4.23 19.55
CA ALA B 288 -14.64 5.65 19.91
C ALA B 288 -14.56 5.87 21.41
N GLY B 289 -14.90 4.86 22.21
CA GLY B 289 -14.92 5.01 23.65
C GLY B 289 -13.59 4.85 24.35
N VAL B 290 -12.50 4.59 23.62
CA VAL B 290 -11.20 4.37 24.24
C VAL B 290 -10.50 5.70 24.47
N GLU B 291 -9.46 5.68 25.29
CA GLU B 291 -8.63 6.85 25.56
C GLU B 291 -7.21 6.58 25.08
N LEU B 292 -6.70 7.47 24.23
CA LEU B 292 -5.34 7.37 23.72
C LEU B 292 -4.43 8.34 24.48
N LYS B 293 -3.18 7.93 24.67
CA LYS B 293 -2.21 8.74 25.39
C LYS B 293 -0.86 8.61 24.71
N ILE B 294 -0.39 9.71 24.13
CA ILE B 294 0.84 9.72 23.33
C ILE B 294 1.90 10.49 24.08
N MET B 295 3.09 9.88 24.22
CA MET B 295 4.23 10.51 24.89
C MET B 295 5.50 10.21 24.09
N LEU B 296 6.60 10.79 24.55
CA LEU B 296 7.92 10.46 24.04
C LEU B 296 8.50 9.29 24.83
N SER B 297 9.14 8.37 24.13
CA SER B 297 9.78 7.25 24.80
C SER B 297 10.96 7.76 25.64
N PRO B 298 11.27 7.08 26.75
CA PRO B 298 12.41 7.52 27.57
C PRO B 298 13.73 7.56 26.81
N GLU B 299 13.95 6.60 25.93
CA GLU B 299 15.16 6.58 25.10
C GLU B 299 14.86 7.13 23.71
N ALA B 300 14.56 8.42 23.68
CA ALA B 300 14.21 9.12 22.44
C ALA B 300 15.10 10.32 22.26
N ARG B 301 15.66 10.46 21.05
CA ARG B 301 16.41 11.64 20.67
C ARG B 301 15.47 12.68 20.06
N ASN B 302 15.80 13.95 20.26
CA ASN B 302 15.02 15.08 19.76
C ASN B 302 13.62 15.12 20.38
N THR B 303 12.89 16.19 20.12
CA THR B 303 11.54 16.37 20.61
C THR B 303 10.54 16.14 19.49
N ALA B 304 9.26 16.29 19.81
CA ALA B 304 8.18 16.11 18.85
C ALA B 304 7.27 17.33 18.86
N TRP B 305 6.54 17.50 17.76
CA TRP B 305 5.66 18.66 17.58
C TRP B 305 4.26 18.17 17.32
N VAL B 306 3.30 18.74 18.05
CA VAL B 306 1.89 18.38 17.94
C VAL B 306 1.16 19.50 17.20
N SER B 307 0.33 19.12 16.24
CA SER B 307 -0.45 20.05 15.42
C SER B 307 -1.90 19.60 15.41
N PHE B 308 -2.81 20.57 15.57
CA PHE B 308 -4.24 20.32 15.68
C PHE B 308 -4.93 20.88 14.42
N ASP B 309 -5.37 19.97 13.55
CA ASP B 309 -6.10 20.32 12.32
C ASP B 309 -5.27 21.18 11.38
N GLY B 310 -3.95 21.17 11.52
CA GLY B 310 -3.12 22.04 10.71
C GLY B 310 -3.11 23.47 11.21
N ARG B 311 -2.87 23.63 12.51
CA ARG B 311 -2.92 24.93 13.17
C ARG B 311 -1.74 25.00 14.12
N LYS B 312 -1.81 25.93 15.08
CA LYS B 312 -0.72 26.25 16.00
C LYS B 312 0.00 25.00 16.49
N ARG B 313 1.31 24.97 16.27
CA ARG B 313 2.13 23.81 16.57
C ARG B 313 2.79 24.00 17.94
N GLN B 314 2.68 22.98 18.79
CA GLN B 314 3.32 22.98 20.09
C GLN B 314 4.42 21.94 20.12
N GLU B 315 5.30 22.05 21.10
CA GLU B 315 6.43 21.14 21.27
C GLU B 315 6.25 20.36 22.55
N ILE B 316 6.48 19.05 22.49
CA ILE B 316 6.33 18.17 23.64
C ILE B 316 7.70 17.60 24.01
N ARG B 317 8.06 17.75 25.28
CA ARG B 317 9.30 17.20 25.82
C ARG B 317 9.02 15.82 26.41
N HIS B 318 9.96 15.28 27.16
CA HIS B 318 9.78 13.95 27.75
C HIS B 318 8.70 13.96 28.83
N GLY B 319 8.49 15.09 29.48
CA GLY B 319 7.50 15.20 30.53
C GLY B 319 6.10 15.54 30.08
N ASP B 320 5.86 15.68 28.78
CA ASP B 320 4.56 16.08 28.26
C ASP B 320 3.79 14.87 27.78
N SER B 321 2.46 14.97 27.85
CA SER B 321 1.58 13.90 27.41
C SER B 321 0.41 14.49 26.64
N ILE B 322 -0.11 13.70 25.69
CA ILE B 322 -1.28 14.09 24.90
C ILE B 322 -2.36 13.04 25.11
N SER B 323 -3.54 13.46 25.55
CA SER B 323 -4.66 12.55 25.82
C SER B 323 -5.78 12.85 24.83
N ILE B 324 -6.20 11.84 24.09
CA ILE B 324 -7.18 11.98 23.02
C ILE B 324 -8.36 11.08 23.31
N THR B 325 -9.57 11.66 23.27
CA THR B 325 -10.81 10.91 23.42
C THR B 325 -11.79 11.41 22.38
N THR B 326 -12.96 10.76 22.32
CA THR B 326 -14.03 11.18 21.41
C THR B 326 -14.86 12.25 22.10
N SER B 327 -14.97 13.41 21.47
CA SER B 327 -15.70 14.53 22.06
C SER B 327 -17.20 14.26 22.07
N THR B 328 -17.88 14.86 23.03
CA THR B 328 -19.33 14.76 23.15
C THR B 328 -20.07 15.85 22.38
N TYR B 329 -19.34 16.69 21.64
CA TYR B 329 -19.93 17.80 20.87
C TYR B 329 -19.57 17.62 19.41
N PRO B 330 -20.37 16.89 18.64
CA PRO B 330 -20.10 16.73 17.21
C PRO B 330 -20.39 18.01 16.44
N LEU B 331 -19.94 18.03 15.19
CA LEU B 331 -20.17 19.16 14.30
C LEU B 331 -21.22 18.76 13.25
N PRO B 332 -22.47 19.21 13.39
CA PRO B 332 -23.48 18.88 12.38
C PRO B 332 -23.29 19.71 11.12
N SER B 333 -23.07 19.04 9.99
CA SER B 333 -22.94 19.69 8.70
C SER B 333 -24.11 19.25 7.82
N ILE B 334 -24.90 20.24 7.37
CA ILE B 334 -26.07 19.94 6.55
C ILE B 334 -25.64 19.38 5.21
N CYS B 335 -26.33 18.34 4.75
CA CYS B 335 -26.03 17.66 3.51
C CYS B 335 -27.01 18.08 2.43
N VAL B 336 -26.60 17.87 1.18
CA VAL B 336 -27.44 18.28 0.04
C VAL B 336 -28.61 17.33 -0.11
N ARG B 337 -28.34 16.04 -0.33
CA ARG B 337 -29.40 15.06 -0.55
C ARG B 337 -29.44 13.96 0.51
N ASP B 338 -28.32 13.31 0.81
CA ASP B 338 -28.26 12.31 1.86
C ASP B 338 -26.78 12.02 2.16
N PRO B 339 -26.48 11.48 3.34
CA PRO B 339 -25.06 11.31 3.72
C PRO B 339 -24.25 10.44 2.77
N VAL B 340 -24.71 9.21 2.49
CA VAL B 340 -23.87 8.25 1.78
C VAL B 340 -23.62 8.71 0.34
N SER B 341 -24.63 9.23 -0.35
CA SER B 341 -24.44 9.66 -1.73
C SER B 341 -23.53 10.87 -1.80
N ASP B 342 -23.66 11.81 -0.85
CA ASP B 342 -22.75 12.95 -0.81
C ASP B 342 -21.32 12.50 -0.54
N TRP B 343 -21.14 11.53 0.35
CA TRP B 343 -19.81 11.02 0.63
C TRP B 343 -19.18 10.38 -0.60
N PHE B 344 -19.96 9.57 -1.33
CA PHE B 344 -19.42 8.93 -2.52
C PHE B 344 -19.20 9.94 -3.66
N GLU B 345 -20.04 10.96 -3.74
CA GLU B 345 -19.82 12.07 -4.68
C GLU B 345 -18.52 12.79 -4.38
N SER B 346 -18.25 13.06 -3.10
CA SER B 346 -16.98 13.68 -2.72
C SER B 346 -15.80 12.76 -3.04
N LEU B 347 -15.95 11.47 -2.79
CA LEU B 347 -14.88 10.53 -3.15
C LEU B 347 -14.65 10.53 -4.66
N ALA B 348 -15.72 10.63 -5.45
CA ALA B 348 -15.61 10.55 -6.90
C ALA B 348 -14.91 11.77 -7.47
N GLN B 349 -15.29 12.98 -7.02
CA GLN B 349 -14.74 14.16 -7.66
C GLN B 349 -13.57 14.81 -6.93
N CYS B 350 -13.41 14.58 -5.63
CA CYS B 350 -12.25 15.11 -4.93
C CYS B 350 -11.03 14.21 -5.10
N LEU B 351 -11.15 12.97 -4.63
CA LEU B 351 -10.02 12.04 -4.60
C LEU B 351 -9.97 11.12 -5.81
N HIS B 352 -10.96 11.21 -6.72
CA HIS B 352 -11.03 10.34 -7.90
C HIS B 352 -10.97 8.87 -7.51
N TRP B 353 -11.79 8.50 -6.54
CA TRP B 353 -11.83 7.14 -6.04
C TRP B 353 -12.47 6.22 -7.06
N ASN B 354 -11.68 5.27 -7.58
CA ASN B 354 -12.13 4.26 -8.54
C ASN B 354 -12.68 4.91 -9.81
N VAL B 355 -11.79 5.59 -10.53
CA VAL B 355 -12.12 6.20 -11.81
C VAL B 355 -11.73 5.24 -12.92
N ARG B 356 -12.62 5.05 -13.89
CA ARG B 356 -12.41 4.14 -15.02
C ARG B 356 -12.09 2.72 -14.55
N PHE C 8 16.85 -8.02 -36.31
CA PHE C 8 15.72 -8.54 -35.55
C PHE C 8 15.02 -9.65 -36.33
N GLY C 9 14.32 -9.27 -37.39
CA GLY C 9 13.67 -10.22 -38.26
C GLY C 9 14.61 -10.68 -39.35
N PRO C 10 14.05 -11.20 -40.45
CA PRO C 10 14.90 -11.59 -41.59
C PRO C 10 15.78 -10.46 -42.09
N LYS C 11 15.27 -9.23 -42.11
CA LYS C 11 16.03 -8.08 -42.59
C LYS C 11 16.08 -6.92 -41.61
N ALA C 12 15.19 -6.87 -40.62
CA ALA C 12 15.17 -5.77 -39.66
C ALA C 12 16.36 -5.86 -38.71
N VAL C 22 17.40 4.63 -29.39
CA VAL C 22 17.50 3.43 -30.22
C VAL C 22 16.62 3.56 -31.45
N ARG C 23 17.25 3.68 -32.61
CA ARG C 23 16.54 3.84 -33.87
C ARG C 23 16.33 2.49 -34.56
N LEU C 24 15.59 2.53 -35.66
CA LEU C 24 15.28 1.34 -36.45
C LEU C 24 15.91 1.46 -37.82
N THR C 25 16.69 0.44 -38.20
CA THR C 25 17.35 0.39 -39.50
C THR C 25 16.87 -0.84 -40.26
N TRP C 26 16.55 -0.65 -41.53
CA TRP C 26 15.96 -1.71 -42.33
C TRP C 26 16.95 -2.53 -43.13
N ASN C 27 18.06 -1.92 -43.55
CA ASN C 27 19.05 -2.57 -44.42
C ASN C 27 18.42 -2.92 -45.76
N LYS C 28 17.52 -3.89 -45.76
CA LYS C 28 16.72 -4.23 -46.92
C LYS C 28 15.30 -3.68 -46.74
N SER C 29 14.70 -3.26 -47.85
CA SER C 29 13.37 -2.67 -47.79
C SER C 29 12.36 -3.70 -47.33
N PRO C 30 11.52 -3.40 -46.34
CA PRO C 30 10.53 -4.38 -45.88
C PRO C 30 9.52 -4.73 -46.97
N LYS C 31 9.20 -6.02 -47.05
CA LYS C 31 8.25 -6.51 -48.04
C LYS C 31 7.25 -7.52 -47.51
N SER C 32 7.45 -8.06 -46.31
CA SER C 32 6.57 -9.08 -45.74
C SER C 32 6.08 -8.59 -44.38
N VAL C 33 4.81 -8.21 -44.31
CA VAL C 33 4.21 -7.67 -43.09
C VAL C 33 3.10 -8.62 -42.63
N LEU C 34 3.02 -8.83 -41.33
CA LEU C 34 1.98 -9.64 -40.71
C LEU C 34 1.02 -8.72 -39.98
N VAL C 35 -0.27 -8.82 -40.31
CA VAL C 35 -1.32 -8.04 -39.67
C VAL C 35 -2.10 -8.98 -38.77
N ILE C 36 -2.07 -8.71 -37.47
CA ILE C 36 -2.73 -9.54 -36.47
C ILE C 36 -3.98 -8.82 -36.01
N LYS C 37 -5.12 -9.46 -36.18
CA LYS C 37 -6.42 -8.87 -35.86
C LYS C 37 -6.97 -9.48 -34.58
N LYS C 38 -7.66 -8.65 -33.80
CA LYS C 38 -8.31 -9.13 -32.59
C LYS C 38 -9.55 -9.94 -32.95
N MET C 39 -9.54 -11.22 -32.60
CA MET C 39 -10.63 -12.11 -32.96
C MET C 39 -11.91 -11.76 -32.19
N ARG C 40 -13.04 -12.17 -32.74
CA ARG C 40 -14.35 -11.97 -32.14
C ARG C 40 -14.62 -10.48 -31.87
N ASP C 41 -14.34 -9.66 -32.87
CA ASP C 41 -14.61 -8.23 -32.79
C ASP C 41 -15.27 -7.78 -34.08
N ALA C 42 -16.06 -6.71 -33.99
CA ALA C 42 -16.81 -6.20 -35.13
C ALA C 42 -16.38 -4.82 -35.59
N SER C 43 -15.89 -3.97 -34.69
CA SER C 43 -15.46 -2.64 -35.04
C SER C 43 -14.12 -2.62 -35.79
N LEU C 44 -13.41 -3.75 -35.84
CA LEU C 44 -12.10 -3.81 -36.46
C LEU C 44 -12.15 -4.22 -37.92
N LEU C 45 -13.32 -4.61 -38.44
CA LEU C 45 -13.37 -5.13 -39.81
C LEU C 45 -13.02 -4.05 -40.83
N GLN C 46 -13.68 -2.90 -40.76
CA GLN C 46 -13.42 -1.83 -41.73
C GLN C 46 -11.98 -1.34 -41.67
N PRO C 47 -11.40 -1.02 -40.50
CA PRO C 47 -9.98 -0.67 -40.49
C PRO C 47 -9.08 -1.79 -40.98
N PHE C 48 -9.41 -3.05 -40.71
CA PHE C 48 -8.60 -4.15 -41.19
C PHE C 48 -8.59 -4.20 -42.71
N LYS C 49 -9.77 -4.07 -43.33
CA LYS C 49 -9.83 -4.06 -44.79
C LYS C 49 -9.10 -2.86 -45.37
N GLU C 50 -9.27 -1.68 -44.76
CA GLU C 50 -8.59 -0.49 -45.26
C GLU C 50 -7.07 -0.66 -45.20
N LEU C 51 -6.56 -1.15 -44.07
CA LEU C 51 -5.13 -1.35 -43.91
C LEU C 51 -4.61 -2.41 -44.87
N CYS C 52 -5.36 -3.49 -45.06
CA CYS C 52 -4.91 -4.55 -45.96
C CYS C 52 -4.88 -4.07 -47.39
N THR C 53 -5.91 -3.31 -47.82
CA THR C 53 -5.90 -2.77 -49.18
C THR C 53 -4.75 -1.79 -49.37
N HIS C 54 -4.47 -0.96 -48.37
CA HIS C 54 -3.37 -0.02 -48.51
C HIS C 54 -2.02 -0.73 -48.55
N LEU C 55 -1.83 -1.76 -47.71
CA LEU C 55 -0.54 -2.43 -47.65
C LEU C 55 -0.22 -3.20 -48.93
N MET C 56 -1.22 -3.51 -49.75
CA MET C 56 -1.02 -4.24 -50.99
C MET C 56 -1.15 -3.36 -52.23
N GLU C 57 -0.98 -2.04 -52.08
CA GLU C 57 -0.82 -1.15 -53.23
C GLU C 57 0.60 -0.65 -53.39
N GLU C 58 1.50 -1.01 -52.47
CA GLU C 58 2.94 -0.86 -52.67
C GLU C 58 3.61 -2.19 -53.01
N ASN C 59 2.84 -3.16 -53.50
CA ASN C 59 3.37 -4.47 -53.90
C ASN C 59 4.13 -5.12 -52.75
N MET C 60 3.57 -5.04 -51.54
CA MET C 60 4.20 -5.55 -50.34
C MET C 60 3.38 -6.72 -49.79
N ILE C 61 4.05 -7.85 -49.58
CA ILE C 61 3.37 -9.08 -49.19
C ILE C 61 2.85 -8.95 -47.77
N VAL C 62 1.60 -9.39 -47.55
CA VAL C 62 0.96 -9.31 -46.25
C VAL C 62 0.58 -10.73 -45.80
N TYR C 63 0.59 -10.93 -44.48
CA TYR C 63 0.28 -12.21 -43.87
C TYR C 63 -0.89 -12.06 -42.91
N VAL C 64 -1.82 -13.01 -42.96
CA VAL C 64 -3.00 -13.02 -42.09
C VAL C 64 -3.24 -14.44 -41.61
N GLU C 65 -3.60 -14.58 -40.33
CA GLU C 65 -3.92 -15.88 -39.77
C GLU C 65 -5.13 -16.48 -40.47
N LYS C 66 -5.11 -17.81 -40.62
CA LYS C 66 -6.16 -18.49 -41.38
C LYS C 66 -7.53 -18.31 -40.75
N LYS C 67 -7.60 -18.32 -39.43
CA LYS C 67 -8.89 -18.19 -38.75
C LYS C 67 -9.56 -16.85 -39.05
N VAL C 68 -8.78 -15.83 -39.39
CA VAL C 68 -9.36 -14.54 -39.74
C VAL C 68 -10.07 -14.62 -41.09
N LEU C 69 -9.49 -15.35 -42.04
CA LEU C 69 -10.06 -15.40 -43.38
C LEU C 69 -11.34 -16.23 -43.46
N GLU C 70 -11.54 -17.15 -42.53
CA GLU C 70 -12.74 -17.98 -42.52
C GLU C 70 -13.90 -17.34 -41.77
N ASP C 71 -13.73 -16.11 -41.31
CA ASP C 71 -14.80 -15.42 -40.58
C ASP C 71 -15.96 -15.17 -41.52
N PRO C 72 -17.19 -15.51 -41.13
CA PRO C 72 -18.34 -15.25 -42.02
C PRO C 72 -18.47 -13.79 -42.43
N ALA C 73 -18.14 -12.85 -41.56
CA ALA C 73 -18.33 -11.43 -41.86
C ALA C 73 -17.33 -10.91 -42.89
N ILE C 74 -16.26 -11.65 -43.18
CA ILE C 74 -15.28 -11.21 -44.16
C ILE C 74 -15.42 -11.94 -45.49
N ALA C 75 -16.06 -13.12 -45.50
CA ALA C 75 -16.31 -13.81 -46.76
C ALA C 75 -17.57 -13.31 -47.45
N SER C 76 -18.49 -12.67 -46.70
CA SER C 76 -19.76 -12.24 -47.27
C SER C 76 -19.60 -11.04 -48.21
N ASP C 77 -18.51 -10.31 -48.11
CA ASP C 77 -18.29 -9.11 -48.92
C ASP C 77 -17.40 -9.47 -50.11
N GLU C 78 -17.93 -9.28 -51.32
CA GLU C 78 -17.16 -9.56 -52.52
C GLU C 78 -16.26 -8.41 -52.94
N SER C 79 -16.50 -7.21 -52.40
CA SER C 79 -15.63 -6.07 -52.71
C SER C 79 -14.23 -6.29 -52.16
N PHE C 80 -14.14 -6.78 -50.92
CA PHE C 80 -12.84 -7.07 -50.31
C PHE C 80 -12.24 -8.38 -50.82
N GLY C 81 -13.06 -9.26 -51.39
CA GLY C 81 -12.55 -10.54 -51.87
C GLY C 81 -11.61 -10.44 -53.05
N ALA C 82 -11.72 -9.37 -53.84
CA ALA C 82 -10.83 -9.21 -54.98
C ALA C 82 -9.39 -9.05 -54.53
N VAL C 83 -9.16 -8.27 -53.47
CA VAL C 83 -7.83 -8.08 -52.93
C VAL C 83 -7.51 -9.07 -51.83
N LYS C 84 -8.50 -9.82 -51.34
CA LYS C 84 -8.27 -10.83 -50.32
C LYS C 84 -7.44 -11.99 -50.84
N LYS C 85 -7.51 -12.27 -52.14
CA LYS C 85 -6.84 -13.43 -52.71
C LYS C 85 -5.32 -13.32 -52.67
N LYS C 86 -4.77 -12.14 -52.40
CA LYS C 86 -3.33 -11.96 -52.32
C LYS C 86 -2.77 -12.20 -50.93
N PHE C 87 -3.61 -12.59 -49.97
CA PHE C 87 -3.15 -12.89 -48.62
C PHE C 87 -2.26 -14.13 -48.62
N THR C 88 -1.27 -14.12 -47.73
CA THR C 88 -0.48 -15.31 -47.44
C THR C 88 -0.99 -15.89 -46.12
N THR C 89 -1.38 -17.16 -46.14
CA THR C 89 -2.19 -17.74 -45.08
C THR C 89 -1.36 -18.72 -44.25
N PHE C 90 -1.48 -18.60 -42.93
CA PHE C 90 -0.90 -19.55 -41.99
C PHE C 90 -1.97 -19.95 -40.98
N ARG C 91 -1.93 -21.21 -40.54
CA ARG C 91 -3.00 -21.78 -39.72
C ARG C 91 -2.56 -22.11 -38.31
N GLU C 92 -1.29 -21.82 -37.97
CA GLU C 92 -0.76 -22.00 -36.62
C GLU C 92 -0.65 -23.48 -36.24
N ASP C 93 -1.12 -24.37 -37.12
CA ASP C 93 -1.04 -25.79 -36.83
C ASP C 93 0.30 -26.36 -37.27
N TYR C 94 0.63 -26.24 -38.55
CA TYR C 94 1.92 -26.67 -39.06
C TYR C 94 2.59 -25.52 -39.80
N ASP C 95 1.79 -24.55 -40.22
CA ASP C 95 2.31 -23.36 -40.89
C ASP C 95 2.74 -22.32 -39.86
N ASP C 96 3.64 -22.70 -38.97
CA ASP C 96 4.11 -21.76 -37.95
C ASP C 96 4.91 -20.63 -38.60
N ILE C 97 4.57 -19.40 -38.25
CA ILE C 97 5.30 -18.26 -38.77
C ILE C 97 6.70 -18.23 -38.17
N SER C 98 7.68 -17.86 -39.00
CA SER C 98 9.09 -18.03 -38.70
C SER C 98 9.81 -16.79 -39.20
N ASN C 99 11.12 -16.90 -39.41
CA ASN C 99 11.88 -15.75 -39.88
C ASN C 99 11.53 -15.45 -41.34
N GLN C 100 10.26 -15.14 -41.57
CA GLN C 100 9.75 -14.72 -42.86
C GLN C 100 9.06 -13.36 -42.81
N ILE C 101 8.82 -12.82 -41.62
CA ILE C 101 8.12 -11.55 -41.43
C ILE C 101 9.11 -10.56 -40.81
N ASP C 102 9.23 -9.39 -41.43
CA ASP C 102 10.13 -8.35 -40.94
C ASP C 102 9.40 -7.11 -40.45
N PHE C 103 8.08 -7.17 -40.29
CA PHE C 103 7.30 -6.02 -39.84
C PHE C 103 5.93 -6.51 -39.40
N ILE C 104 5.49 -6.09 -38.22
CA ILE C 104 4.23 -6.53 -37.64
C ILE C 104 3.35 -5.31 -37.39
N ILE C 105 2.09 -5.41 -37.80
CA ILE C 105 1.08 -4.42 -37.48
C ILE C 105 -0.02 -5.11 -36.68
N CYS C 106 -0.34 -4.56 -35.51
CA CYS C 106 -1.29 -5.15 -34.59
C CYS C 106 -2.53 -4.27 -34.47
N LEU C 107 -3.70 -4.91 -34.47
CA LEU C 107 -4.99 -4.22 -34.36
C LEU C 107 -5.77 -4.81 -33.20
N GLY C 108 -6.31 -3.95 -32.34
CA GLY C 108 -7.27 -4.39 -31.35
C GLY C 108 -7.03 -3.96 -29.92
N GLY C 109 -5.79 -3.96 -29.47
CA GLY C 109 -5.49 -3.57 -28.11
C GLY C 109 -4.27 -4.30 -27.58
N ASP C 110 -4.17 -4.32 -26.25
CA ASP C 110 -2.98 -4.85 -25.59
C ASP C 110 -2.83 -6.35 -25.84
N GLY C 111 -3.90 -7.11 -25.64
CA GLY C 111 -3.84 -8.56 -25.75
C GLY C 111 -3.42 -9.05 -27.12
N THR C 112 -3.62 -8.24 -28.16
CA THR C 112 -3.12 -8.59 -29.48
C THR C 112 -1.60 -8.66 -29.47
N LEU C 113 -0.94 -7.64 -28.89
CA LEU C 113 0.52 -7.62 -28.88
C LEU C 113 1.07 -8.82 -28.13
N LEU C 114 0.44 -9.19 -27.01
CA LEU C 114 0.84 -10.40 -26.30
C LEU C 114 0.77 -11.61 -27.23
N TYR C 115 -0.30 -11.73 -28.02
CA TYR C 115 -0.40 -12.82 -28.97
C TYR C 115 0.74 -12.76 -29.98
N ALA C 116 1.15 -11.55 -30.36
CA ALA C 116 2.29 -11.41 -31.27
C ALA C 116 3.56 -11.99 -30.65
N SER C 117 3.70 -11.87 -29.33
CA SER C 117 4.87 -12.49 -28.68
C SER C 117 4.70 -14.00 -28.58
N SER C 118 3.47 -14.49 -28.54
CA SER C 118 3.24 -15.93 -28.47
C SER C 118 3.60 -16.62 -29.78
N LEU C 119 3.40 -15.94 -30.91
CA LEU C 119 3.66 -16.55 -32.20
C LEU C 119 5.15 -16.65 -32.49
N PHE C 120 5.95 -15.72 -31.97
CA PHE C 120 7.40 -15.71 -32.18
C PHE C 120 8.09 -16.07 -30.88
N GLN C 121 8.59 -17.29 -30.80
CA GLN C 121 9.32 -17.76 -29.63
C GLN C 121 10.80 -17.44 -29.70
N GLY C 122 11.27 -16.91 -30.83
CA GLY C 122 12.66 -16.49 -30.96
C GLY C 122 12.78 -15.00 -31.23
N SER C 123 13.58 -14.63 -32.21
CA SER C 123 13.71 -13.22 -32.58
C SER C 123 12.41 -12.72 -33.19
N VAL C 124 12.01 -11.51 -32.82
CA VAL C 124 10.72 -10.95 -33.17
C VAL C 124 10.96 -9.70 -34.02
N PRO C 125 10.28 -9.53 -35.15
CA PRO C 125 10.40 -8.30 -35.92
C PRO C 125 9.73 -7.15 -35.21
N PRO C 126 10.03 -5.90 -35.59
CA PRO C 126 9.37 -4.76 -34.94
C PRO C 126 7.86 -4.80 -35.13
N VAL C 127 7.16 -4.32 -34.11
CA VAL C 127 5.71 -4.40 -34.04
C VAL C 127 5.12 -3.00 -34.00
N MET C 128 4.03 -2.79 -34.74
CA MET C 128 3.24 -1.57 -34.69
C MET C 128 1.89 -1.90 -34.08
N ALA C 129 1.57 -1.26 -32.96
CA ALA C 129 0.33 -1.49 -32.25
C ALA C 129 -0.63 -0.33 -32.47
N PHE C 130 -1.85 -0.65 -32.88
CA PHE C 130 -2.89 0.35 -33.13
C PHE C 130 -3.99 0.19 -32.10
N HIS C 131 -4.37 1.30 -31.46
CA HIS C 131 -5.50 1.32 -30.54
C HIS C 131 -6.74 1.76 -31.30
N LEU C 132 -7.53 0.77 -31.74
CA LEU C 132 -8.76 1.04 -32.49
C LEU C 132 -9.90 1.21 -31.50
N GLY C 133 -9.94 2.38 -30.87
CA GLY C 133 -10.87 2.64 -29.81
C GLY C 133 -10.35 2.13 -28.48
N SER C 134 -11.10 2.43 -27.43
CA SER C 134 -10.74 2.07 -26.06
C SER C 134 -9.36 2.68 -25.75
N LEU C 135 -8.62 2.06 -24.83
CA LEU C 135 -7.30 2.55 -24.46
C LEU C 135 -6.37 1.36 -24.25
N GLY C 136 -5.11 1.53 -24.64
CA GLY C 136 -4.13 0.48 -24.46
C GLY C 136 -2.78 1.03 -24.04
N PHE C 137 -2.17 0.40 -23.03
CA PHE C 137 -0.87 0.84 -22.56
C PHE C 137 0.24 0.57 -23.57
N LEU C 138 0.13 -0.53 -24.31
CA LEU C 138 1.14 -0.93 -25.27
C LEU C 138 0.76 -0.62 -26.71
N THR C 139 -0.33 0.13 -26.92
CA THR C 139 -0.81 0.49 -28.25
C THR C 139 -0.80 2.00 -28.40
N PRO C 140 0.29 2.58 -28.93
CA PRO C 140 0.41 4.04 -28.98
C PRO C 140 -0.04 4.70 -30.27
N PHE C 141 -0.37 3.95 -31.31
CA PHE C 141 -0.66 4.52 -32.63
C PHE C 141 -2.16 4.66 -32.82
N SER C 142 -2.61 5.87 -33.13
CA SER C 142 -4.00 6.11 -33.49
C SER C 142 -4.21 5.77 -34.97
N PHE C 143 -5.35 5.16 -35.28
CA PHE C 143 -5.59 4.71 -36.63
C PHE C 143 -5.81 5.86 -37.62
N GLU C 144 -6.14 7.05 -37.13
CA GLU C 144 -6.32 8.18 -38.02
C GLU C 144 -5.00 8.54 -38.69
N ASN C 145 -5.07 8.85 -39.99
CA ASN C 145 -3.89 9.20 -40.78
C ASN C 145 -2.82 8.12 -40.70
N PHE C 146 -3.24 6.86 -40.81
CA PHE C 146 -2.31 5.75 -40.68
C PHE C 146 -1.40 5.59 -41.90
N GLN C 147 -1.79 6.14 -43.05
CA GLN C 147 -0.98 6.02 -44.25
C GLN C 147 0.40 6.66 -44.05
N SER C 148 0.42 7.89 -43.55
CA SER C 148 1.68 8.59 -43.35
C SER C 148 2.54 7.87 -42.31
N GLN C 149 1.92 7.37 -41.25
CA GLN C 149 2.67 6.70 -40.20
C GLN C 149 3.32 5.41 -40.71
N VAL C 150 2.53 4.58 -41.40
CA VAL C 150 3.09 3.33 -41.92
C VAL C 150 4.16 3.61 -42.98
N THR C 151 3.96 4.67 -43.77
CA THR C 151 4.97 5.03 -44.77
C THR C 151 6.27 5.46 -44.09
N GLN C 152 6.17 6.27 -43.05
CA GLN C 152 7.36 6.72 -42.34
C GLN C 152 8.09 5.56 -41.69
N VAL C 153 7.35 4.61 -41.13
CA VAL C 153 7.99 3.45 -40.52
C VAL C 153 8.62 2.56 -41.57
N ILE C 154 7.99 2.41 -42.73
CA ILE C 154 8.56 1.62 -43.81
C ILE C 154 9.87 2.25 -44.30
N GLU C 155 9.90 3.59 -44.37
CA GLU C 155 11.12 4.27 -44.80
C GLU C 155 12.28 3.98 -43.86
N GLY C 156 12.02 4.02 -42.55
CA GLY C 156 13.05 3.70 -41.59
C GLY C 156 13.34 4.82 -40.61
N ASN C 157 12.39 5.73 -40.43
CA ASN C 157 12.51 6.85 -39.51
C ASN C 157 11.53 6.63 -38.36
N ALA C 158 11.97 5.88 -37.36
CA ALA C 158 11.13 5.55 -36.21
C ALA C 158 12.00 4.97 -35.11
N ALA C 159 11.73 5.36 -33.88
CA ALA C 159 12.43 4.82 -32.71
C ALA C 159 11.65 3.64 -32.14
N VAL C 160 12.38 2.75 -31.47
CA VAL C 160 11.80 1.53 -30.92
C VAL C 160 12.16 1.40 -29.45
N VAL C 161 11.38 0.59 -28.74
CA VAL C 161 11.62 0.27 -27.34
C VAL C 161 11.81 -1.24 -27.25
N LEU C 162 13.00 -1.66 -26.80
CA LEU C 162 13.32 -3.09 -26.71
C LEU C 162 12.76 -3.62 -25.40
N ARG C 163 11.50 -4.07 -25.43
CA ARG C 163 10.88 -4.63 -24.25
C ARG C 163 11.44 -6.02 -23.96
N SER C 164 11.91 -6.22 -22.74
CA SER C 164 12.47 -7.51 -22.36
C SER C 164 11.37 -8.55 -22.16
N ARG C 165 11.74 -9.81 -22.30
CA ARG C 165 10.84 -10.93 -22.12
C ARG C 165 11.48 -11.94 -21.18
N LEU C 166 10.65 -12.81 -20.61
CA LEU C 166 11.12 -13.83 -19.69
C LEU C 166 11.10 -15.20 -20.35
N LYS C 167 12.22 -15.92 -20.25
CA LYS C 167 12.34 -17.30 -20.68
C LYS C 167 11.96 -18.21 -19.52
N VAL C 168 10.97 -19.05 -19.74
CA VAL C 168 10.41 -19.91 -18.69
C VAL C 168 10.48 -21.36 -19.16
N ARG C 169 11.02 -22.21 -18.29
CA ARG C 169 11.07 -23.65 -18.53
C ARG C 169 10.34 -24.37 -17.42
N VAL C 170 9.40 -25.24 -17.77
CA VAL C 170 8.65 -26.03 -16.82
C VAL C 170 9.18 -27.46 -16.87
N VAL C 171 9.71 -27.94 -15.76
CA VAL C 171 10.26 -29.28 -15.66
C VAL C 171 9.32 -30.12 -14.81
N LYS C 172 8.84 -31.23 -15.37
CA LYS C 172 7.90 -32.11 -14.71
C LYS C 172 8.56 -33.46 -14.47
N GLU C 173 8.40 -33.99 -13.27
CA GLU C 173 8.97 -35.30 -12.91
C GLU C 173 7.96 -36.42 -13.15
N ALA C 203 10.43 -30.32 -20.63
CA ALA C 203 10.60 -28.89 -20.82
C ALA C 203 9.46 -28.31 -21.63
N MET C 204 9.18 -27.02 -21.44
CA MET C 204 8.10 -26.34 -22.14
C MET C 204 8.58 -25.16 -22.96
N GLN C 205 9.55 -24.38 -22.44
CA GLN C 205 10.25 -23.35 -23.20
C GLN C 205 9.27 -22.29 -23.74
N TYR C 206 8.68 -21.57 -22.80
CA TYR C 206 7.85 -20.42 -23.12
C TYR C 206 8.63 -19.12 -23.04
N GLN C 207 8.21 -18.14 -23.83
CA GLN C 207 8.65 -16.76 -23.70
C GLN C 207 7.45 -15.90 -23.38
N VAL C 208 7.54 -15.11 -22.31
CA VAL C 208 6.42 -14.30 -21.85
C VAL C 208 6.81 -12.83 -21.90
N LEU C 209 5.79 -11.99 -22.08
CA LEU C 209 5.95 -10.55 -22.23
C LEU C 209 5.64 -9.78 -20.96
N ASN C 210 4.50 -10.04 -20.32
CA ASN C 210 4.11 -9.28 -19.13
C ASN C 210 4.57 -9.97 -17.84
N GLU C 211 4.09 -11.19 -17.57
CA GLU C 211 4.53 -11.91 -16.39
C GLU C 211 4.26 -13.39 -16.56
N VAL C 212 4.68 -14.16 -15.55
CA VAL C 212 4.23 -15.52 -15.31
C VAL C 212 3.59 -15.55 -13.93
N VAL C 213 2.35 -16.02 -13.86
CA VAL C 213 1.58 -15.99 -12.61
C VAL C 213 1.45 -17.42 -12.08
N ILE C 214 1.92 -17.65 -10.87
CA ILE C 214 1.64 -18.86 -10.13
C ILE C 214 0.57 -18.53 -9.10
N ASP C 215 -0.45 -19.38 -9.00
CA ASP C 215 -1.58 -19.09 -8.15
C ASP C 215 -2.32 -20.39 -7.82
N ARG C 216 -3.52 -20.25 -7.29
CA ARG C 216 -4.40 -21.37 -6.98
C ARG C 216 -5.61 -21.33 -7.89
N GLY C 217 -6.09 -22.51 -8.28
CA GLY C 217 -7.23 -22.60 -9.15
C GLY C 217 -8.51 -22.75 -8.37
N PRO C 218 -9.11 -23.94 -8.42
CA PRO C 218 -10.33 -24.19 -7.63
C PRO C 218 -10.09 -24.15 -6.14
N SER C 219 -8.84 -24.23 -5.68
CA SER C 219 -8.55 -24.25 -4.26
C SER C 219 -8.94 -22.91 -3.61
N SER C 220 -9.57 -23.01 -2.44
CA SER C 220 -9.94 -21.84 -1.65
C SER C 220 -9.03 -21.63 -0.45
N TYR C 221 -8.06 -22.51 -0.24
CA TYR C 221 -7.13 -22.38 0.86
C TYR C 221 -5.89 -21.61 0.41
N LEU C 222 -5.01 -21.31 1.37
CA LEU C 222 -3.80 -20.56 1.06
C LEU C 222 -2.82 -21.44 0.28
N SER C 223 -1.95 -20.78 -0.48
CA SER C 223 -0.98 -21.45 -1.35
C SER C 223 0.42 -21.15 -0.83
N ASN C 224 1.22 -22.20 -0.68
CA ASN C 224 2.60 -22.11 -0.22
C ASN C 224 3.52 -22.50 -1.38
N VAL C 225 4.31 -21.56 -1.88
CA VAL C 225 5.31 -21.90 -2.90
C VAL C 225 6.65 -21.28 -2.53
N ASP C 226 7.71 -22.06 -2.74
CA ASP C 226 9.08 -21.65 -2.45
C ASP C 226 9.70 -21.03 -3.70
N VAL C 227 10.50 -19.98 -3.52
CA VAL C 227 11.22 -19.37 -4.63
C VAL C 227 12.72 -19.39 -4.34
N TYR C 228 13.49 -19.79 -5.35
CA TYR C 228 14.95 -19.82 -5.30
C TYR C 228 15.50 -18.73 -6.20
N LEU C 229 16.50 -18.01 -5.70
CA LEU C 229 17.24 -17.05 -6.51
C LEU C 229 18.70 -17.49 -6.53
N ASP C 230 19.18 -17.89 -7.71
CA ASP C 230 20.54 -18.41 -7.88
C ASP C 230 20.81 -19.59 -6.94
N GLY C 231 19.84 -20.50 -6.86
CA GLY C 231 19.97 -21.67 -6.01
C GLY C 231 20.01 -21.36 -4.53
N HIS C 232 19.18 -20.44 -4.06
CA HIS C 232 19.14 -20.05 -2.67
C HIS C 232 17.71 -19.74 -2.25
N LEU C 233 17.30 -20.28 -1.11
CA LEU C 233 16.00 -19.95 -0.54
C LEU C 233 15.95 -18.48 -0.18
N ILE C 234 15.24 -17.69 -0.96
CA ILE C 234 15.03 -16.30 -0.60
C ILE C 234 13.74 -16.13 0.21
N THR C 235 12.66 -16.78 -0.20
CA THR C 235 11.45 -16.78 0.60
C THR C 235 10.50 -17.88 0.15
N THR C 236 9.53 -18.15 1.03
CA THR C 236 8.33 -18.91 0.71
C THR C 236 7.15 -17.97 0.84
N VAL C 237 6.29 -17.96 -0.17
CA VAL C 237 5.14 -17.06 -0.17
C VAL C 237 3.88 -17.87 0.10
N GLN C 238 3.04 -17.31 0.98
CA GLN C 238 1.80 -17.92 1.45
C GLN C 238 0.66 -16.97 1.14
N GLY C 239 -0.20 -17.38 0.22
CA GLY C 239 -1.32 -16.57 -0.21
C GLY C 239 -1.89 -17.01 -1.53
N ASP C 240 -2.20 -16.06 -2.42
CA ASP C 240 -2.70 -16.45 -3.73
C ASP C 240 -1.55 -16.83 -4.65
N GLY C 241 -0.51 -16.02 -4.72
CA GLY C 241 0.65 -16.35 -5.54
C GLY C 241 1.55 -15.15 -5.73
N VAL C 242 2.46 -15.27 -6.71
CA VAL C 242 3.37 -14.19 -7.06
C VAL C 242 3.31 -13.93 -8.56
N ILE C 243 3.71 -12.73 -8.95
CA ILE C 243 3.48 -12.19 -10.29
C ILE C 243 4.81 -11.83 -10.96
N VAL C 244 5.84 -12.65 -10.75
CA VAL C 244 7.16 -12.39 -11.33
C VAL C 244 7.02 -11.95 -12.78
N SER C 245 7.61 -10.79 -13.11
CA SER C 245 7.21 -10.05 -14.30
C SER C 245 8.38 -9.31 -14.90
N THR C 246 8.14 -8.72 -16.05
CA THR C 246 9.03 -7.81 -16.76
C THR C 246 8.68 -6.37 -16.42
N PRO C 247 9.55 -5.41 -16.79
CA PRO C 247 9.13 -4.00 -16.67
C PRO C 247 7.88 -3.69 -17.48
N THR C 248 7.71 -4.32 -18.64
CA THR C 248 6.48 -4.15 -19.41
C THR C 248 5.27 -4.60 -18.60
N GLY C 249 5.42 -5.65 -17.80
CA GLY C 249 4.37 -6.11 -16.92
C GLY C 249 4.28 -5.36 -15.61
N SER C 250 5.11 -4.33 -15.42
CA SER C 250 5.04 -3.54 -14.19
C SER C 250 3.70 -2.83 -14.04
N THR C 251 3.10 -2.41 -15.15
CA THR C 251 1.79 -1.77 -15.15
C THR C 251 0.66 -2.76 -15.35
N ALA C 252 0.98 -4.04 -15.48
CA ALA C 252 0.02 -5.12 -15.66
C ALA C 252 -0.43 -5.63 -14.29
N TYR C 253 -0.98 -6.84 -14.25
CA TYR C 253 -1.48 -7.50 -13.04
C TYR C 253 -0.53 -7.35 -11.85
N ALA C 254 0.76 -7.15 -12.12
CA ALA C 254 1.69 -6.82 -11.04
C ALA C 254 1.31 -5.49 -10.39
N ALA C 255 0.94 -4.49 -11.19
CA ALA C 255 0.52 -3.21 -10.64
C ALA C 255 -0.76 -3.33 -9.82
N ALA C 256 -1.62 -4.29 -10.18
CA ALA C 256 -2.86 -4.47 -9.43
C ALA C 256 -2.58 -4.90 -7.99
N ALA C 257 -1.47 -5.59 -7.76
CA ALA C 257 -1.14 -6.12 -6.44
C ALA C 257 -0.28 -5.17 -5.61
N GLY C 258 0.03 -3.98 -6.13
CA GLY C 258 0.80 -3.00 -5.40
C GLY C 258 2.21 -2.78 -5.86
N ALA C 259 2.60 -3.35 -7.00
CA ALA C 259 3.95 -3.16 -7.51
C ALA C 259 4.14 -1.74 -8.02
N SER C 260 5.40 -1.31 -8.06
CA SER C 260 5.75 0.04 -8.50
C SER C 260 5.72 0.12 -10.03
N MET C 261 6.00 1.31 -10.55
CA MET C 261 6.03 1.58 -11.98
C MET C 261 7.48 1.56 -12.44
N ILE C 262 7.80 0.66 -13.38
CA ILE C 262 9.16 0.54 -13.90
C ILE C 262 9.13 0.78 -15.40
N HIS C 263 9.97 1.71 -15.86
CA HIS C 263 10.08 1.99 -17.29
C HIS C 263 10.64 0.78 -18.03
N PRO C 264 10.15 0.49 -19.24
CA PRO C 264 10.62 -0.69 -19.97
C PRO C 264 12.09 -0.65 -20.36
N ASN C 265 12.77 0.45 -20.07
CA ASN C 265 14.19 0.60 -20.35
C ASN C 265 15.06 0.27 -19.14
N VAL C 266 14.46 -0.19 -18.04
CA VAL C 266 15.19 -0.56 -16.83
C VAL C 266 15.38 -2.07 -16.84
N PRO C 267 16.60 -2.58 -16.95
CA PRO C 267 16.86 -4.03 -17.03
C PRO C 267 16.77 -4.76 -15.69
N ALA C 268 15.56 -5.15 -15.31
CA ALA C 268 15.36 -5.84 -14.04
C ALA C 268 14.14 -6.75 -14.12
N ILE C 269 14.09 -7.70 -13.20
CA ILE C 269 12.95 -8.61 -13.04
C ILE C 269 12.22 -8.25 -11.76
N MET C 270 10.92 -8.46 -11.75
CA MET C 270 10.07 -8.08 -10.62
C MET C 270 9.56 -9.33 -9.91
N ILE C 271 9.29 -9.19 -8.61
CA ILE C 271 8.64 -10.24 -7.83
C ILE C 271 7.63 -9.55 -6.91
N THR C 272 6.35 -9.70 -7.21
CA THR C 272 5.30 -9.12 -6.40
C THR C 272 4.25 -10.18 -6.07
N PRO C 273 3.67 -10.14 -4.86
CA PRO C 273 2.73 -11.17 -4.45
C PRO C 273 1.33 -10.99 -5.00
N ILE C 274 0.41 -11.84 -4.55
CA ILE C 274 -1.03 -11.65 -4.78
C ILE C 274 -1.69 -11.80 -3.41
N CYS C 275 -1.88 -10.69 -2.71
CA CYS C 275 -2.51 -10.67 -1.40
C CYS C 275 -1.85 -11.68 -0.46
N PRO C 276 -0.62 -11.46 -0.02
CA PRO C 276 0.02 -12.39 0.90
C PRO C 276 -0.46 -12.20 2.33
N HIS C 277 -0.48 -13.30 3.08
CA HIS C 277 -0.88 -13.22 4.48
C HIS C 277 0.30 -12.77 5.35
N SER C 278 0.91 -11.65 4.96
CA SER C 278 2.03 -11.09 5.70
C SER C 278 2.10 -9.61 5.36
N LEU C 279 2.15 -8.76 6.39
CA LEU C 279 2.18 -7.33 6.15
C LEU C 279 3.52 -6.84 5.62
N SER C 280 4.58 -7.64 5.79
CA SER C 280 5.94 -7.19 5.49
C SER C 280 6.40 -7.49 4.07
N PHE C 281 5.66 -8.29 3.30
CA PHE C 281 6.21 -8.82 2.05
C PHE C 281 6.04 -7.77 0.97
N ARG C 282 6.91 -6.78 1.00
CA ARG C 282 6.94 -5.76 -0.03
C ARG C 282 7.43 -6.34 -1.35
N PRO C 283 6.87 -5.92 -2.48
CA PRO C 283 7.40 -6.38 -3.77
C PRO C 283 8.85 -5.98 -3.96
N ILE C 284 9.60 -6.85 -4.63
CA ILE C 284 11.05 -6.68 -4.76
C ILE C 284 11.42 -6.64 -6.24
N VAL C 285 12.59 -6.06 -6.51
CA VAL C 285 13.15 -5.94 -7.85
C VAL C 285 14.56 -6.52 -7.84
N VAL C 286 14.84 -7.39 -8.79
CA VAL C 286 16.09 -8.16 -8.80
C VAL C 286 16.76 -7.92 -10.14
N PRO C 287 18.08 -8.13 -10.22
CA PRO C 287 18.78 -7.94 -11.50
C PRO C 287 18.28 -8.91 -12.57
N ALA C 288 18.39 -8.47 -13.83
CA ALA C 288 17.90 -9.26 -14.94
C ALA C 288 18.74 -10.52 -15.18
N GLY C 289 19.97 -10.56 -14.67
CA GLY C 289 20.85 -11.69 -14.92
C GLY C 289 20.69 -12.87 -13.99
N VAL C 290 19.75 -12.82 -13.05
CA VAL C 290 19.58 -13.90 -12.08
C VAL C 290 18.66 -14.96 -12.64
N GLU C 291 18.66 -16.13 -12.01
CA GLU C 291 17.76 -17.23 -12.37
C GLU C 291 16.84 -17.52 -11.20
N LEU C 292 15.54 -17.56 -11.48
CA LEU C 292 14.52 -17.84 -10.47
C LEU C 292 14.02 -19.26 -10.64
N LYS C 293 13.72 -19.92 -9.53
CA LYS C 293 13.26 -21.31 -9.54
C LYS C 293 12.12 -21.45 -8.54
N ILE C 294 10.90 -21.56 -9.04
CA ILE C 294 9.71 -21.64 -8.20
C ILE C 294 9.26 -23.09 -8.13
N MET C 295 9.05 -23.58 -6.90
CA MET C 295 8.59 -24.94 -6.67
C MET C 295 7.54 -24.91 -5.56
N LEU C 296 6.94 -26.07 -5.31
CA LEU C 296 6.07 -26.25 -4.15
C LEU C 296 6.89 -26.72 -2.96
N SER C 297 6.61 -26.14 -1.80
CA SER C 297 7.30 -26.56 -0.58
C SER C 297 6.89 -27.98 -0.21
N PRO C 298 7.79 -28.74 0.42
CA PRO C 298 7.43 -30.12 0.80
C PRO C 298 6.22 -30.20 1.72
N GLU C 299 6.07 -29.24 2.63
CA GLU C 299 4.92 -29.20 3.53
C GLU C 299 3.85 -28.25 3.00
N ALA C 300 3.36 -28.55 1.80
CA ALA C 300 2.36 -27.72 1.13
C ALA C 300 1.15 -28.57 0.76
N ARG C 301 -0.03 -28.08 1.09
CA ARG C 301 -1.27 -28.69 0.66
C ARG C 301 -1.68 -28.15 -0.70
N ASN C 302 -2.35 -29.00 -1.48
CA ASN C 302 -2.85 -28.66 -2.82
C ASN C 302 -1.72 -28.41 -3.80
N THR C 303 -2.04 -28.40 -5.10
CA THR C 303 -1.09 -28.14 -6.15
C THR C 303 -1.19 -26.67 -6.57
N ALA C 304 -0.28 -26.24 -7.44
CA ALA C 304 -0.28 -24.85 -7.89
C ALA C 304 -0.59 -24.80 -9.38
N TRP C 305 -0.93 -23.59 -9.86
CA TRP C 305 -1.28 -23.40 -11.25
C TRP C 305 -0.44 -22.27 -11.83
N VAL C 306 0.15 -22.52 -13.00
CA VAL C 306 1.02 -21.57 -13.67
C VAL C 306 0.34 -21.10 -14.95
N SER C 307 0.35 -19.78 -15.17
CA SER C 307 -0.22 -19.16 -16.35
C SER C 307 0.79 -18.20 -16.96
N PHE C 308 0.87 -18.20 -18.29
CA PHE C 308 1.85 -17.41 -19.03
C PHE C 308 1.12 -16.34 -19.81
N ASP C 309 1.22 -15.09 -19.35
CA ASP C 309 0.59 -13.95 -20.01
C ASP C 309 -0.92 -14.11 -20.12
N GLY C 310 -1.53 -14.66 -19.07
CA GLY C 310 -2.97 -14.88 -19.06
C GLY C 310 -3.43 -15.85 -20.14
N ARG C 311 -2.74 -16.98 -20.24
CA ARG C 311 -2.98 -17.94 -21.30
C ARG C 311 -2.92 -19.34 -20.69
N LYS C 312 -2.73 -20.35 -21.54
CA LYS C 312 -2.85 -21.76 -21.18
C LYS C 312 -2.29 -22.06 -19.80
N ARG C 313 -3.15 -22.62 -18.94
CA ARG C 313 -2.83 -22.84 -17.54
C ARG C 313 -2.39 -24.28 -17.34
N GLN C 314 -1.27 -24.46 -16.65
CA GLN C 314 -0.76 -25.78 -16.33
C GLN C 314 -0.78 -25.97 -14.81
N GLU C 315 -0.79 -27.24 -14.39
CA GLU C 315 -0.78 -27.59 -12.98
C GLU C 315 0.57 -28.16 -12.61
N ILE C 316 1.15 -27.64 -11.52
CA ILE C 316 2.44 -28.12 -11.02
C ILE C 316 2.22 -28.76 -9.66
N ARG C 317 2.78 -29.96 -9.50
CA ARG C 317 2.75 -30.75 -8.28
C ARG C 317 4.10 -30.63 -7.56
N HIS C 318 4.29 -31.46 -6.52
CA HIS C 318 5.48 -31.35 -5.69
C HIS C 318 6.77 -31.61 -6.47
N GLY C 319 6.70 -32.44 -7.50
CA GLY C 319 7.86 -32.78 -8.28
C GLY C 319 8.15 -31.87 -9.46
N ASP C 320 7.42 -30.77 -9.60
CA ASP C 320 7.55 -29.88 -10.75
C ASP C 320 8.29 -28.62 -10.36
N SER C 321 8.97 -28.02 -11.33
CA SER C 321 9.75 -26.80 -11.10
C SER C 321 9.56 -25.84 -12.26
N ILE C 322 9.65 -24.55 -11.95
CA ILE C 322 9.56 -23.49 -12.96
C ILE C 322 10.84 -22.66 -12.89
N SER C 323 11.53 -22.54 -14.02
CA SER C 323 12.78 -21.79 -14.08
C SER C 323 12.60 -20.57 -14.98
N ILE C 324 12.91 -19.40 -14.45
CA ILE C 324 12.67 -18.13 -15.11
C ILE C 324 13.98 -17.37 -15.23
N THR C 325 14.28 -16.91 -16.44
CA THR C 325 15.45 -16.07 -16.71
C THR C 325 15.04 -14.96 -17.66
N THR C 326 15.97 -14.05 -17.94
CA THR C 326 15.71 -12.98 -18.89
C THR C 326 16.06 -13.44 -20.30
N SER C 327 15.09 -13.37 -21.20
CA SER C 327 15.28 -13.85 -22.56
C SER C 327 16.22 -12.94 -23.33
N THR C 328 16.93 -13.55 -24.29
CA THR C 328 17.83 -12.82 -25.18
C THR C 328 17.13 -12.26 -26.40
N TYR C 329 15.83 -12.49 -26.54
CA TYR C 329 15.04 -12.02 -27.69
C TYR C 329 14.00 -11.04 -27.19
N PRO C 330 14.27 -9.76 -27.22
CA PRO C 330 13.30 -8.75 -26.77
C PRO C 330 12.21 -8.53 -27.81
N LEU C 331 11.23 -7.72 -27.43
CA LEU C 331 10.14 -7.33 -28.33
C LEU C 331 10.31 -5.88 -28.75
N PRO C 332 10.77 -5.62 -29.98
CA PRO C 332 10.89 -4.23 -30.43
C PRO C 332 9.55 -3.60 -30.74
N SER C 333 9.13 -2.65 -29.91
CA SER C 333 7.86 -1.95 -30.09
C SER C 333 8.14 -0.54 -30.58
N ILE C 334 7.58 -0.20 -31.74
CA ILE C 334 7.81 1.11 -32.34
C ILE C 334 7.00 2.16 -31.59
N CYS C 335 7.65 3.25 -31.22
CA CYS C 335 7.03 4.33 -30.46
C CYS C 335 6.70 5.50 -31.38
N VAL C 336 5.65 6.24 -31.01
CA VAL C 336 5.19 7.33 -31.87
C VAL C 336 6.22 8.46 -31.91
N ARG C 337 6.69 8.92 -30.74
CA ARG C 337 7.71 9.95 -30.71
C ARG C 337 8.96 9.55 -29.95
N ASP C 338 8.83 9.01 -28.74
CA ASP C 338 9.98 8.56 -27.96
C ASP C 338 9.48 7.71 -26.79
N PRO C 339 10.35 6.89 -26.19
CA PRO C 339 9.88 5.98 -25.14
C PRO C 339 9.28 6.67 -23.92
N VAL C 340 9.97 7.68 -23.38
CA VAL C 340 9.59 8.24 -22.08
C VAL C 340 8.23 8.92 -22.15
N SER C 341 8.04 9.77 -23.16
CA SER C 341 6.78 10.50 -23.27
C SER C 341 5.61 9.57 -23.54
N ASP C 342 5.82 8.53 -24.36
CA ASP C 342 4.77 7.55 -24.59
C ASP C 342 4.43 6.80 -23.31
N TRP C 343 5.45 6.42 -22.53
CA TRP C 343 5.19 5.73 -21.27
C TRP C 343 4.39 6.60 -20.31
N PHE C 344 4.76 7.88 -20.21
CA PHE C 344 4.06 8.77 -19.28
C PHE C 344 2.66 9.11 -19.77
N GLU C 345 2.46 9.22 -21.09
CA GLU C 345 1.11 9.40 -21.62
C GLU C 345 0.25 8.17 -21.35
N SER C 346 0.83 6.97 -21.47
CA SER C 346 0.10 5.76 -21.13
C SER C 346 -0.28 5.75 -19.65
N LEU C 347 0.65 6.15 -18.78
CA LEU C 347 0.33 6.23 -17.36
C LEU C 347 -0.79 7.22 -17.09
N ALA C 348 -0.75 8.38 -17.75
CA ALA C 348 -1.74 9.42 -17.49
C ALA C 348 -3.11 9.07 -18.06
N GLN C 349 -3.15 8.36 -19.19
CA GLN C 349 -4.42 8.12 -19.88
C GLN C 349 -5.08 6.81 -19.47
N CYS C 350 -4.29 5.74 -19.28
CA CYS C 350 -4.84 4.44 -18.95
C CYS C 350 -4.99 4.24 -17.44
N LEU C 351 -3.90 4.44 -16.70
CA LEU C 351 -3.90 4.18 -15.26
C LEU C 351 -4.25 5.40 -14.42
N HIS C 352 -4.38 6.58 -15.04
CA HIS C 352 -4.68 7.82 -14.34
C HIS C 352 -3.70 8.07 -13.19
N TRP C 353 -2.41 8.00 -13.53
CA TRP C 353 -1.34 8.15 -12.56
C TRP C 353 -1.20 9.63 -12.21
N ASN C 354 -1.52 9.97 -10.95
CA ASN C 354 -1.44 11.33 -10.43
C ASN C 354 -2.31 12.30 -11.23
N VAL C 355 -3.62 12.07 -11.15
CA VAL C 355 -4.60 12.98 -11.72
C VAL C 355 -5.01 13.99 -10.66
N ARG C 356 -5.06 15.27 -11.05
CA ARG C 356 -5.38 16.36 -10.14
C ARG C 356 -4.45 16.38 -8.93
N THR D 7 38.53 2.56 -11.89
CA THR D 7 39.44 2.71 -10.76
C THR D 7 38.72 3.35 -9.56
N PHE D 8 39.05 2.87 -8.37
CA PHE D 8 38.45 3.38 -7.13
C PHE D 8 39.58 3.62 -6.13
N GLY D 9 40.02 4.87 -6.03
CA GLY D 9 41.11 5.22 -5.17
C GLY D 9 42.44 5.17 -5.91
N PRO D 10 43.52 5.62 -5.23
CA PRO D 10 44.83 5.61 -5.88
C PRO D 10 45.31 4.24 -6.31
N LYS D 11 44.96 3.19 -5.57
CA LYS D 11 45.49 1.85 -5.83
C LYS D 11 44.42 0.82 -6.14
N ALA D 12 43.29 0.84 -5.43
CA ALA D 12 42.27 -0.18 -5.62
C ALA D 12 41.57 -0.01 -6.96
N THR D 13 41.16 -1.14 -7.54
CA THR D 13 40.48 -1.14 -8.82
C THR D 13 39.69 -2.44 -8.95
N VAL D 14 38.77 -2.46 -9.89
CA VAL D 14 37.95 -3.64 -10.16
C VAL D 14 38.31 -4.25 -11.50
N VAL D 22 31.92 -9.52 -9.51
CA VAL D 22 32.70 -8.30 -9.34
C VAL D 22 33.65 -8.45 -8.16
N ARG D 23 34.92 -8.72 -8.45
CA ARG D 23 35.94 -8.92 -7.44
C ARG D 23 36.74 -7.65 -7.23
N LEU D 24 37.58 -7.67 -6.19
CA LEU D 24 38.41 -6.53 -5.82
C LEU D 24 39.88 -6.86 -6.05
N THR D 25 40.58 -6.00 -6.79
CA THR D 25 42.00 -6.15 -7.06
C THR D 25 42.75 -4.92 -6.57
N TRP D 26 43.96 -5.14 -6.09
CA TRP D 26 44.75 -4.07 -5.50
C TRP D 26 45.87 -3.56 -6.40
N ASN D 27 46.44 -4.43 -7.25
CA ASN D 27 47.59 -4.09 -8.08
C ASN D 27 48.78 -3.73 -7.20
N LYS D 28 48.69 -2.62 -6.47
CA LYS D 28 49.66 -2.25 -5.46
C LYS D 28 49.12 -2.58 -4.08
N SER D 29 50.00 -3.04 -3.21
CA SER D 29 49.58 -3.47 -1.87
C SER D 29 49.02 -2.27 -1.09
N PRO D 30 47.85 -2.39 -0.48
CA PRO D 30 47.30 -1.26 0.28
C PRO D 30 48.16 -0.92 1.48
N LYS D 31 48.35 0.38 1.70
CA LYS D 31 49.13 0.88 2.83
C LYS D 31 48.46 2.02 3.57
N SER D 32 47.43 2.64 3.02
CA SER D 32 46.72 3.73 3.66
C SER D 32 45.27 3.32 3.88
N VAL D 33 44.81 3.40 5.13
CA VAL D 33 43.45 3.03 5.49
C VAL D 33 42.86 4.14 6.34
N LEU D 34 41.59 4.45 6.10
CA LEU D 34 40.85 5.44 6.86
C LEU D 34 39.78 4.73 7.70
N VAL D 35 39.83 4.94 9.01
CA VAL D 35 38.83 4.39 9.93
C VAL D 35 37.95 5.54 10.38
N ILE D 36 36.64 5.36 10.23
CA ILE D 36 35.65 6.39 10.57
C ILE D 36 34.81 5.88 11.73
N LYS D 37 34.80 6.65 12.81
CA LYS D 37 34.05 6.31 14.01
C LYS D 37 32.70 7.03 14.01
N LYS D 38 31.78 6.56 14.84
CA LYS D 38 30.42 7.07 14.89
C LYS D 38 30.30 8.34 15.75
N MET D 39 31.41 9.05 15.95
CA MET D 39 31.45 10.32 16.69
C MET D 39 31.08 10.03 18.14
N ARG D 40 30.09 10.70 18.72
CA ARG D 40 29.77 10.54 20.13
C ARG D 40 29.16 9.16 20.36
N ASP D 41 29.95 8.25 20.95
CA ASP D 41 29.49 6.91 21.28
C ASP D 41 30.38 6.38 22.39
N ALA D 42 29.91 5.32 23.03
CA ALA D 42 30.62 4.72 24.16
C ALA D 42 31.09 3.31 23.89
N SER D 43 30.30 2.50 23.18
CA SER D 43 30.65 1.12 22.91
C SER D 43 31.66 0.96 21.78
N LEU D 44 32.02 2.06 21.11
CA LEU D 44 32.93 2.01 19.97
C LEU D 44 34.33 2.51 20.32
N LEU D 45 34.68 2.57 21.60
CA LEU D 45 36.03 2.99 21.98
C LEU D 45 37.00 1.81 22.02
N GLN D 46 36.64 0.75 22.74
CA GLN D 46 37.50 -0.43 22.78
C GLN D 46 37.68 -1.07 21.41
N PRO D 47 36.63 -1.33 20.61
CA PRO D 47 36.88 -1.86 19.27
C PRO D 47 37.68 -0.93 18.38
N PHE D 48 37.48 0.38 18.48
CA PHE D 48 38.27 1.32 17.69
C PHE D 48 39.74 1.23 18.07
N LYS D 49 40.03 1.21 19.37
CA LYS D 49 41.41 1.10 19.82
C LYS D 49 42.03 -0.21 19.37
N GLU D 50 41.30 -1.32 19.49
CA GLU D 50 41.82 -2.62 19.07
C GLU D 50 42.11 -2.64 17.58
N LEU D 51 41.17 -2.12 16.77
CA LEU D 51 41.36 -2.11 15.32
C LEU D 51 42.54 -1.24 14.92
N CYS D 52 42.67 -0.05 15.53
CA CYS D 52 43.78 0.82 15.19
C CYS D 52 45.12 0.21 15.62
N THR D 53 45.15 -0.43 16.79
CA THR D 53 46.37 -1.07 17.24
C THR D 53 46.77 -2.21 16.32
N HIS D 54 45.80 -3.01 15.87
CA HIS D 54 46.11 -4.12 14.97
C HIS D 54 46.54 -3.62 13.60
N LEU D 55 45.87 -2.59 13.07
CA LEU D 55 46.16 -2.12 11.72
C LEU D 55 47.57 -1.56 11.59
N MET D 56 48.20 -1.17 12.70
CA MET D 56 49.56 -0.68 12.70
C MET D 56 50.58 -1.72 13.18
N GLU D 57 50.17 -2.98 13.34
CA GLU D 57 51.11 -4.05 13.61
C GLU D 57 51.71 -4.65 12.36
N GLU D 58 51.12 -4.36 11.19
CA GLU D 58 51.71 -4.73 9.91
C GLU D 58 52.19 -3.50 9.12
N ASN D 59 52.50 -2.41 9.83
CA ASN D 59 53.12 -1.22 9.24
C ASN D 59 52.28 -0.67 8.08
N MET D 60 51.05 -0.28 8.41
CA MET D 60 50.11 0.27 7.43
C MET D 60 49.54 1.58 7.94
N ILE D 61 49.64 2.62 7.12
CA ILE D 61 49.24 3.96 7.54
C ILE D 61 47.74 4.01 7.80
N VAL D 62 47.36 4.66 8.90
CA VAL D 62 45.97 4.77 9.32
C VAL D 62 45.61 6.25 9.44
N TYR D 63 44.40 6.59 9.01
CA TYR D 63 43.92 7.96 9.06
C TYR D 63 42.72 8.05 9.99
N VAL D 64 42.67 9.12 10.78
CA VAL D 64 41.63 9.33 11.77
C VAL D 64 41.19 10.79 11.73
N GLU D 65 39.89 11.01 11.84
CA GLU D 65 39.36 12.37 11.92
C GLU D 65 39.93 13.12 13.12
N LYS D 66 40.21 14.42 12.92
CA LYS D 66 40.77 15.23 14.00
C LYS D 66 39.83 15.28 15.20
N LYS D 67 38.52 15.32 14.94
CA LYS D 67 37.55 15.38 16.04
C LYS D 67 37.52 14.10 16.87
N VAL D 68 38.10 13.01 16.37
CA VAL D 68 38.12 11.77 17.12
C VAL D 68 39.25 11.77 18.14
N LEU D 69 40.41 12.30 17.77
CA LEU D 69 41.55 12.32 18.68
C LEU D 69 41.40 13.34 19.80
N GLU D 70 40.56 14.36 19.61
CA GLU D 70 40.32 15.35 20.66
C GLU D 70 39.27 14.91 21.66
N ASP D 71 38.73 13.70 21.51
CA ASP D 71 37.72 13.22 22.45
C ASP D 71 38.34 13.04 23.83
N PRO D 72 37.65 13.45 24.90
CA PRO D 72 38.22 13.27 26.25
C PRO D 72 38.50 11.83 26.62
N ALA D 73 37.73 10.87 26.08
CA ALA D 73 37.86 9.48 26.48
C ALA D 73 38.98 8.75 25.74
N ILE D 74 39.66 9.39 24.80
CA ILE D 74 40.76 8.77 24.09
C ILE D 74 42.10 9.39 24.47
N ALA D 75 42.13 10.68 24.85
CA ALA D 75 43.36 11.27 25.36
C ALA D 75 43.63 10.89 26.81
N SER D 76 42.57 10.55 27.57
CA SER D 76 42.76 10.18 28.97
C SER D 76 43.57 8.90 29.11
N ASP D 77 43.29 7.91 28.26
CA ASP D 77 44.02 6.65 28.33
C ASP D 77 45.43 6.83 27.80
N GLU D 78 46.42 6.38 28.58
CA GLU D 78 47.81 6.51 28.20
C GLU D 78 48.36 5.25 27.53
N SER D 79 47.74 4.09 27.75
CA SER D 79 48.18 2.87 27.07
C SER D 79 47.98 2.99 25.57
N PHE D 80 46.82 3.51 25.15
CA PHE D 80 46.56 3.72 23.73
C PHE D 80 47.28 4.94 23.17
N GLY D 81 47.70 5.87 24.04
CA GLY D 81 48.35 7.08 23.56
C GLY D 81 49.71 6.82 22.96
N ALA D 82 50.36 5.72 23.36
CA ALA D 82 51.68 5.39 22.80
C ALA D 82 51.57 5.08 21.32
N VAL D 83 50.52 4.38 20.91
CA VAL D 83 50.33 4.02 19.50
C VAL D 83 49.45 5.02 18.77
N LYS D 84 48.77 5.92 19.50
CA LYS D 84 47.93 6.93 18.86
C LYS D 84 48.73 7.98 18.11
N LYS D 85 49.99 8.19 18.49
CA LYS D 85 50.81 9.23 17.87
C LYS D 85 51.14 8.93 16.42
N LYS D 86 50.89 7.71 15.94
CA LYS D 86 51.15 7.32 14.56
C LYS D 86 49.94 7.49 13.66
N PHE D 87 49.07 8.46 13.96
CA PHE D 87 47.87 8.72 13.18
C PHE D 87 48.13 9.83 12.18
N THR D 88 47.80 9.57 10.91
CA THR D 88 47.88 10.60 9.85
C THR D 88 46.61 11.43 9.91
N THR D 89 46.57 12.34 10.89
CA THR D 89 45.36 13.08 11.20
C THR D 89 45.05 14.13 10.13
N PHE D 90 43.76 14.27 9.82
CA PHE D 90 43.27 15.32 8.94
C PHE D 90 42.10 16.01 9.61
N ARG D 91 42.00 17.33 9.41
CA ARG D 91 41.06 18.16 10.15
C ARG D 91 39.77 18.44 9.40
N GLU D 92 39.66 18.04 8.13
CA GLU D 92 38.43 18.13 7.34
C GLU D 92 38.09 19.57 6.98
N ASP D 93 38.82 20.54 7.53
CA ASP D 93 38.55 21.94 7.20
C ASP D 93 38.98 22.25 5.78
N TYR D 94 40.18 21.85 5.39
CA TYR D 94 40.67 22.05 4.04
C TYR D 94 41.46 20.87 3.51
N ASP D 95 41.47 19.74 4.23
CA ASP D 95 42.27 18.58 3.82
C ASP D 95 41.51 17.76 2.80
N ASP D 96 42.15 17.46 1.67
CA ASP D 96 41.58 16.61 0.63
C ASP D 96 42.24 15.24 0.73
N ILE D 97 41.53 14.30 1.33
CA ILE D 97 42.03 12.94 1.53
C ILE D 97 41.54 12.05 0.40
N SER D 98 41.06 12.67 -0.68
CA SER D 98 40.50 11.90 -1.78
C SER D 98 41.53 11.01 -2.44
N ASN D 99 42.76 11.51 -2.61
CA ASN D 99 43.80 10.75 -3.27
C ASN D 99 44.86 10.28 -2.28
N GLN D 100 44.43 9.88 -1.08
CA GLN D 100 45.38 9.44 -0.06
C GLN D 100 44.95 8.18 0.68
N ILE D 101 43.82 7.55 0.33
CA ILE D 101 43.27 6.43 1.07
C ILE D 101 43.08 5.27 0.10
N ASP D 102 43.53 4.07 0.51
CA ASP D 102 43.39 2.88 -0.32
C ASP D 102 42.07 2.16 -0.07
N PHE D 103 41.65 2.02 1.18
CA PHE D 103 40.34 1.47 1.50
C PHE D 103 39.94 1.93 2.88
N ILE D 104 38.64 1.83 3.17
CA ILE D 104 38.02 2.43 4.35
C ILE D 104 37.42 1.33 5.21
N ILE D 105 37.59 1.46 6.52
CA ILE D 105 36.91 0.63 7.51
C ILE D 105 35.97 1.54 8.30
N CYS D 106 34.69 1.18 8.32
CA CYS D 106 33.66 2.00 8.96
C CYS D 106 33.12 1.28 10.20
N LEU D 107 32.97 2.02 11.28
CA LEU D 107 32.48 1.50 12.55
C LEU D 107 31.24 2.26 12.98
N GLY D 108 30.16 1.54 13.28
CA GLY D 108 29.03 2.15 13.93
C GLY D 108 27.66 1.90 13.34
N GLY D 109 27.53 1.90 12.03
CA GLY D 109 26.25 1.69 11.39
C GLY D 109 26.18 2.35 10.03
N ASP D 110 24.96 2.41 9.50
CA ASP D 110 24.75 2.94 8.16
C ASP D 110 25.10 4.42 8.08
N GLY D 111 24.76 5.19 9.11
CA GLY D 111 25.04 6.62 9.08
C GLY D 111 26.51 6.95 8.93
N THR D 112 27.38 6.05 9.39
CA THR D 112 28.81 6.21 9.16
C THR D 112 29.12 6.11 7.67
N LEU D 113 28.58 5.09 7.00
CA LEU D 113 28.86 4.89 5.59
C LEU D 113 28.45 6.09 4.76
N LEU D 114 27.27 6.66 5.05
CA LEU D 114 26.83 7.87 4.40
C LEU D 114 27.87 8.97 4.57
N TYR D 115 28.37 9.14 5.80
CA TYR D 115 29.42 10.13 6.04
C TYR D 115 30.66 9.80 5.24
N ALA D 116 30.96 8.51 5.07
CA ALA D 116 32.09 8.11 4.24
C ALA D 116 31.90 8.58 2.80
N SER D 117 30.66 8.62 2.32
CA SER D 117 30.41 9.14 0.98
C SER D 117 30.51 10.66 0.93
N SER D 118 30.35 11.33 2.07
CA SER D 118 30.42 12.79 2.09
C SER D 118 31.86 13.28 1.89
N LEU D 119 32.84 12.57 2.46
CA LEU D 119 34.22 12.99 2.36
C LEU D 119 34.82 12.77 0.98
N PHE D 120 34.17 11.97 0.13
CA PHE D 120 34.70 11.61 -1.19
C PHE D 120 33.67 11.98 -2.25
N GLN D 121 33.75 13.21 -2.75
CA GLN D 121 32.85 13.65 -3.81
C GLN D 121 33.28 13.17 -5.19
N GLY D 122 34.47 12.57 -5.30
CA GLY D 122 34.92 11.97 -6.54
C GLY D 122 35.01 10.47 -6.43
N SER D 123 36.09 9.89 -6.94
CA SER D 123 36.31 8.46 -6.80
C SER D 123 36.57 8.10 -5.34
N VAL D 124 35.94 7.03 -4.88
CA VAL D 124 35.99 6.64 -3.47
C VAL D 124 36.60 5.25 -3.34
N PRO D 125 37.50 5.04 -2.38
CA PRO D 125 38.07 3.72 -2.19
C PRO D 125 37.06 2.75 -1.62
N PRO D 126 37.29 1.44 -1.75
CA PRO D 126 36.33 0.47 -1.20
C PRO D 126 36.22 0.60 0.31
N VAL D 127 35.02 0.31 0.82
CA VAL D 127 34.71 0.45 2.23
C VAL D 127 34.41 -0.92 2.82
N MET D 128 34.70 -1.06 4.12
CA MET D 128 34.47 -2.29 4.86
C MET D 128 33.71 -1.91 6.13
N ALA D 129 32.39 -1.88 6.04
CA ALA D 129 31.55 -1.44 7.14
C ALA D 129 31.45 -2.51 8.21
N PHE D 130 31.58 -2.09 9.47
CA PHE D 130 31.48 -2.97 10.62
C PHE D 130 30.29 -2.55 11.47
N HIS D 131 29.44 -3.51 11.84
CA HIS D 131 28.30 -3.25 12.71
C HIS D 131 28.65 -3.66 14.13
N LEU D 132 28.50 -2.73 15.07
CA LEU D 132 28.81 -2.96 16.48
C LEU D 132 27.60 -2.49 17.28
N GLY D 133 26.66 -3.40 17.51
CA GLY D 133 25.41 -3.07 18.14
C GLY D 133 24.33 -2.70 17.13
N SER D 134 23.08 -2.92 17.54
CA SER D 134 21.92 -2.69 16.68
C SER D 134 22.06 -3.47 15.37
N LEU D 135 21.38 -3.00 14.32
CA LEU D 135 21.41 -3.66 13.03
C LEU D 135 21.62 -2.62 11.93
N GLY D 136 22.43 -2.97 10.93
CA GLY D 136 22.67 -2.09 9.81
C GLY D 136 22.42 -2.75 8.48
N PHE D 137 21.74 -2.05 7.58
CA PHE D 137 21.45 -2.62 6.27
C PHE D 137 22.69 -2.62 5.37
N LEU D 138 23.58 -1.65 5.55
CA LEU D 138 24.79 -1.54 4.75
C LEU D 138 26.04 -1.97 5.50
N THR D 139 25.89 -2.60 6.67
CA THR D 139 27.01 -2.99 7.51
C THR D 139 26.98 -4.50 7.72
N PRO D 140 27.62 -5.28 6.83
CA PRO D 140 27.52 -6.75 6.91
C PRO D 140 28.58 -7.44 7.75
N PHE D 141 29.63 -6.74 8.18
CA PHE D 141 30.75 -7.39 8.86
C PHE D 141 30.57 -7.33 10.36
N SER D 142 30.64 -8.50 11.01
CA SER D 142 30.63 -8.59 12.46
C SER D 142 32.04 -8.40 12.99
N PHE D 143 32.16 -7.72 14.14
CA PHE D 143 33.48 -7.38 14.66
C PHE D 143 34.22 -8.58 15.23
N GLU D 144 33.52 -9.68 15.52
CA GLU D 144 34.19 -10.87 16.03
C GLU D 144 35.10 -11.46 14.96
N ASN D 145 36.30 -11.86 15.38
CA ASN D 145 37.31 -12.42 14.47
C ASN D 145 37.60 -11.46 13.32
N PHE D 146 37.75 -10.18 13.64
CA PHE D 146 37.97 -9.17 12.61
C PHE D 146 39.36 -9.26 11.99
N GLN D 147 40.32 -9.87 12.69
CA GLN D 147 41.68 -9.95 12.16
C GLN D 147 41.70 -10.71 10.85
N SER D 148 41.07 -11.88 10.81
CA SER D 148 41.07 -12.70 9.60
C SER D 148 40.35 -12.00 8.45
N GLN D 149 39.22 -11.37 8.74
CA GLN D 149 38.47 -10.68 7.70
C GLN D 149 39.25 -9.51 7.11
N VAL D 150 39.89 -8.71 7.98
CA VAL D 150 40.69 -7.59 7.50
C VAL D 150 41.88 -8.12 6.69
N THR D 151 42.49 -9.21 7.14
CA THR D 151 43.62 -9.77 6.39
C THR D 151 43.18 -10.25 5.02
N GLN D 152 42.02 -10.93 4.93
CA GLN D 152 41.53 -11.40 3.64
C GLN D 152 41.20 -10.22 2.73
N VAL D 153 40.65 -9.14 3.28
CA VAL D 153 40.38 -7.96 2.47
C VAL D 153 41.68 -7.35 1.96
N ILE D 154 42.71 -7.28 2.81
CA ILE D 154 43.98 -6.70 2.40
C ILE D 154 44.63 -7.54 1.31
N GLU D 155 44.56 -8.87 1.44
CA GLU D 155 45.19 -9.74 0.44
C GLU D 155 44.59 -9.53 -0.94
N GLY D 156 43.27 -9.41 -1.03
CA GLY D 156 42.64 -9.14 -2.31
C GLY D 156 41.61 -10.18 -2.72
N ASN D 157 41.15 -10.98 -1.77
CA ASN D 157 40.14 -12.01 -2.02
C ASN D 157 38.85 -11.54 -1.36
N ALA D 158 38.07 -10.75 -2.09
CA ALA D 158 36.83 -10.21 -1.58
C ALA D 158 36.00 -9.66 -2.73
N ALA D 159 34.69 -9.76 -2.60
CA ALA D 159 33.75 -9.26 -3.60
C ALA D 159 33.13 -7.95 -3.12
N VAL D 160 32.76 -7.10 -4.07
CA VAL D 160 32.20 -5.78 -3.79
C VAL D 160 30.94 -5.59 -4.62
N VAL D 161 30.13 -4.61 -4.20
CA VAL D 161 28.98 -4.15 -4.96
C VAL D 161 29.20 -2.69 -5.33
N LEU D 162 28.94 -2.36 -6.59
CA LEU D 162 29.14 -1.00 -7.09
C LEU D 162 27.85 -0.22 -6.84
N ARG D 163 27.73 0.33 -5.64
CA ARG D 163 26.53 1.07 -5.26
C ARG D 163 26.48 2.40 -5.99
N SER D 164 25.38 2.65 -6.69
CA SER D 164 25.23 3.88 -7.45
C SER D 164 24.99 5.06 -6.52
N ARG D 165 25.40 6.24 -6.98
CA ARG D 165 25.19 7.49 -6.27
C ARG D 165 24.57 8.50 -7.22
N LEU D 166 23.91 9.51 -6.65
CA LEU D 166 23.26 10.54 -7.44
C LEU D 166 24.08 11.83 -7.39
N LYS D 167 24.38 12.36 -8.56
CA LYS D 167 25.00 13.68 -8.71
C LYS D 167 23.88 14.72 -8.74
N VAL D 168 23.88 15.61 -7.76
CA VAL D 168 22.83 16.62 -7.62
C VAL D 168 23.46 18.00 -7.63
N ARG D 169 22.89 18.90 -8.43
CA ARG D 169 23.35 20.27 -8.56
C ARG D 169 22.21 21.22 -8.26
N VAL D 170 22.46 22.19 -7.37
CA VAL D 170 21.46 23.16 -6.97
C VAL D 170 21.85 24.50 -7.59
N VAL D 171 20.94 25.05 -8.41
CA VAL D 171 21.15 26.34 -9.07
C VAL D 171 20.24 27.36 -8.43
N LYS D 172 20.83 28.42 -7.89
CA LYS D 172 20.10 29.47 -7.20
C LYS D 172 20.21 30.77 -7.99
N GLU D 173 19.10 31.46 -8.16
CA GLU D 173 19.06 32.73 -8.88
C GLU D 173 19.04 33.91 -7.92
N ALA D 203 25.94 26.73 -8.28
CA ALA D 203 26.11 25.29 -8.18
C ALA D 203 26.72 24.89 -6.85
N MET D 204 26.35 23.71 -6.35
CA MET D 204 26.88 23.23 -5.07
C MET D 204 27.48 21.84 -5.23
N GLN D 205 26.97 21.06 -6.18
CA GLN D 205 27.61 19.83 -6.65
C GLN D 205 27.77 18.82 -5.51
N TYR D 206 26.63 18.32 -5.03
CA TYR D 206 26.65 17.26 -4.04
C TYR D 206 26.58 15.88 -4.69
N GLN D 207 27.10 14.89 -3.98
CA GLN D 207 26.95 13.48 -4.30
C GLN D 207 26.21 12.81 -3.16
N VAL D 208 25.12 12.12 -3.46
CA VAL D 208 24.31 11.49 -2.42
C VAL D 208 24.26 9.99 -2.64
N LEU D 209 24.07 9.25 -1.55
CA LEU D 209 24.06 7.80 -1.55
C LEU D 209 22.66 7.20 -1.48
N ASN D 210 21.87 7.59 -0.48
CA ASN D 210 20.54 7.01 -0.33
C ASN D 210 19.49 7.75 -1.14
N GLU D 211 19.28 9.04 -0.87
CA GLU D 211 18.38 9.84 -1.68
C GLU D 211 18.68 11.32 -1.47
N VAL D 212 17.98 12.14 -2.23
CA VAL D 212 17.83 13.57 -1.95
C VAL D 212 16.34 13.86 -1.79
N VAL D 213 15.99 14.55 -0.71
CA VAL D 213 14.59 14.72 -0.31
C VAL D 213 14.22 16.18 -0.46
N ILE D 214 13.17 16.45 -1.23
CA ILE D 214 12.60 17.78 -1.36
C ILE D 214 11.23 17.76 -0.68
N ASP D 215 11.11 18.49 0.42
CA ASP D 215 9.93 18.41 1.26
C ASP D 215 9.62 19.79 1.84
N ARG D 216 8.80 19.82 2.88
CA ARG D 216 8.42 21.04 3.57
C ARG D 216 8.99 21.02 4.98
N GLY D 217 9.38 22.19 5.47
CA GLY D 217 9.94 22.30 6.80
C GLY D 217 8.90 22.73 7.81
N PRO D 218 9.00 23.98 8.28
CA PRO D 218 8.01 24.49 9.24
C PRO D 218 6.61 24.60 8.66
N SER D 219 6.46 24.60 7.34
CA SER D 219 5.14 24.74 6.73
C SER D 219 4.27 23.53 7.06
N SER D 220 2.99 23.81 7.34
CA SER D 220 2.01 22.77 7.64
C SER D 220 1.01 22.57 6.51
N TYR D 221 1.23 23.20 5.36
CA TYR D 221 0.34 23.10 4.22
C TYR D 221 0.92 22.14 3.19
N LEU D 222 0.19 21.96 2.09
CA LEU D 222 0.66 21.11 1.01
C LEU D 222 1.87 21.74 0.33
N SER D 223 2.70 20.89 -0.26
CA SER D 223 3.86 21.31 -1.03
C SER D 223 3.65 20.94 -2.48
N ASN D 224 3.77 21.93 -3.37
CA ASN D 224 3.60 21.75 -4.81
C ASN D 224 4.97 21.85 -5.47
N VAL D 225 5.45 20.73 -5.99
CA VAL D 225 6.77 20.67 -6.61
C VAL D 225 6.65 20.06 -8.00
N ASP D 226 7.16 20.75 -9.02
CA ASP D 226 7.13 20.27 -10.38
C ASP D 226 8.39 19.46 -10.66
N VAL D 227 8.23 18.28 -11.26
CA VAL D 227 9.37 17.44 -11.61
C VAL D 227 9.39 17.23 -13.12
N TYR D 228 10.56 17.44 -13.72
CA TYR D 228 10.79 17.30 -15.15
C TYR D 228 11.74 16.13 -15.37
N LEU D 229 11.50 15.36 -16.42
CA LEU D 229 12.43 14.30 -16.83
C LEU D 229 12.82 14.57 -18.27
N ASP D 230 14.12 14.81 -18.49
CA ASP D 230 14.67 15.12 -19.81
C ASP D 230 13.98 16.32 -20.44
N GLY D 231 13.71 17.34 -19.62
CA GLY D 231 13.14 18.58 -20.10
C GLY D 231 11.64 18.57 -20.30
N HIS D 232 10.95 17.50 -19.93
CA HIS D 232 9.52 17.38 -20.12
C HIS D 232 8.85 17.25 -18.76
N LEU D 233 7.77 18.00 -18.56
CA LEU D 233 7.04 17.93 -17.30
C LEU D 233 6.30 16.62 -17.21
N ILE D 234 6.66 15.80 -16.22
CA ILE D 234 6.03 14.49 -16.04
C ILE D 234 4.93 14.54 -14.99
N THR D 235 5.10 15.33 -13.92
CA THR D 235 4.05 15.49 -12.93
C THR D 235 4.41 16.62 -11.97
N THR D 236 3.40 17.00 -11.19
CA THR D 236 3.53 17.93 -10.08
C THR D 236 3.07 17.21 -8.82
N VAL D 237 3.97 17.06 -7.85
CA VAL D 237 3.65 16.40 -6.59
C VAL D 237 3.04 17.42 -5.65
N GLN D 238 1.94 17.03 -5.01
CA GLN D 238 1.17 17.88 -4.11
C GLN D 238 1.05 17.14 -2.79
N GLY D 239 2.03 17.35 -1.91
CA GLY D 239 2.05 16.69 -0.62
C GLY D 239 3.25 17.06 0.22
N ASP D 240 3.78 16.10 0.98
CA ASP D 240 4.92 16.41 1.83
C ASP D 240 6.20 16.55 0.99
N GLY D 241 6.42 15.66 0.03
CA GLY D 241 7.58 15.80 -0.82
C GLY D 241 7.87 14.53 -1.60
N VAL D 242 9.07 14.49 -2.16
CA VAL D 242 9.53 13.38 -3.00
C VAL D 242 10.80 12.78 -2.40
N ILE D 243 11.02 11.49 -2.72
CA ILE D 243 12.13 10.74 -2.15
C ILE D 243 12.99 10.19 -3.28
N VAL D 244 13.17 10.98 -4.35
CA VAL D 244 13.99 10.55 -5.47
C VAL D 244 15.32 9.99 -4.96
N SER D 245 15.61 8.72 -5.30
CA SER D 245 16.60 7.95 -4.58
C SER D 245 17.38 7.06 -5.54
N THR D 246 18.27 6.27 -4.96
CA THR D 246 19.09 5.26 -5.61
C THR D 246 18.61 3.87 -5.21
N PRO D 247 19.06 2.82 -5.92
CA PRO D 247 18.70 1.46 -5.48
C PRO D 247 19.13 1.15 -4.05
N THR D 248 20.33 1.58 -3.64
CA THR D 248 20.76 1.31 -2.27
C THR D 248 19.99 2.12 -1.24
N GLY D 249 19.26 3.14 -1.68
CA GLY D 249 18.32 3.86 -0.85
C GLY D 249 16.90 3.41 -0.98
N SER D 250 16.65 2.30 -1.70
CA SER D 250 15.28 1.81 -1.87
C SER D 250 14.71 1.33 -0.53
N THR D 251 15.54 0.73 0.30
CA THR D 251 15.13 0.26 1.62
C THR D 251 15.21 1.36 2.68
N ALA D 252 15.66 2.56 2.30
CA ALA D 252 15.71 3.72 3.17
C ALA D 252 14.35 4.39 3.23
N TYR D 253 14.34 5.66 3.66
CA TYR D 253 13.14 6.49 3.78
C TYR D 253 12.18 6.32 2.61
N ALA D 254 12.70 5.97 1.43
CA ALA D 254 11.84 5.62 0.31
C ALA D 254 10.95 4.41 0.65
N ALA D 255 11.53 3.40 1.29
CA ALA D 255 10.74 2.23 1.66
C ALA D 255 9.65 2.57 2.67
N ALA D 256 9.89 3.57 3.52
CA ALA D 256 8.89 3.97 4.50
C ALA D 256 7.64 4.53 3.82
N ALA D 257 7.80 5.20 2.68
CA ALA D 257 6.69 5.81 1.98
C ALA D 257 5.98 4.87 1.02
N GLY D 258 6.43 3.62 0.89
CA GLY D 258 5.79 2.64 0.05
C GLY D 258 6.56 2.20 -1.18
N ALA D 259 7.83 2.56 -1.30
CA ALA D 259 8.62 2.14 -2.45
C ALA D 259 8.94 0.66 -2.36
N SER D 260 9.20 0.06 -3.52
CA SER D 260 9.53 -1.35 -3.59
C SER D 260 11.00 -1.58 -3.22
N MET D 261 11.34 -2.85 -3.04
CA MET D 261 12.71 -3.25 -2.71
C MET D 261 13.48 -3.45 -4.01
N ILE D 262 14.56 -2.70 -4.17
CA ILE D 262 15.35 -2.72 -5.40
C ILE D 262 16.79 -3.09 -5.07
N HIS D 263 17.29 -4.13 -5.73
CA HIS D 263 18.64 -4.61 -5.50
C HIS D 263 19.64 -3.59 -6.03
N PRO D 264 20.77 -3.38 -5.34
CA PRO D 264 21.73 -2.38 -5.79
C PRO D 264 22.50 -2.73 -7.06
N ASN D 265 22.17 -3.85 -7.71
CA ASN D 265 22.83 -4.25 -8.94
C ASN D 265 21.97 -3.98 -10.18
N VAL D 266 20.98 -3.10 -10.08
CA VAL D 266 20.23 -2.68 -11.26
C VAL D 266 20.46 -1.19 -11.48
N PRO D 267 20.64 -0.74 -12.72
CA PRO D 267 20.73 0.71 -12.99
C PRO D 267 19.35 1.33 -13.03
N ALA D 268 19.02 2.11 -12.00
CA ALA D 268 17.70 2.70 -11.91
C ALA D 268 17.72 3.89 -10.97
N ILE D 269 16.71 4.74 -11.11
CA ILE D 269 16.47 5.86 -10.20
C ILE D 269 15.02 5.79 -9.75
N MET D 270 14.79 5.89 -8.44
CA MET D 270 13.45 5.86 -7.89
C MET D 270 12.90 7.27 -7.76
N ILE D 271 11.58 7.38 -7.88
CA ILE D 271 10.85 8.57 -7.47
C ILE D 271 9.68 8.13 -6.60
N THR D 272 9.71 8.53 -5.34
CA THR D 272 8.73 8.09 -4.35
C THR D 272 8.19 9.31 -3.61
N PRO D 273 6.89 9.46 -3.48
CA PRO D 273 6.31 10.60 -2.77
C PRO D 273 6.47 10.46 -1.27
N ILE D 274 5.94 11.46 -0.55
CA ILE D 274 5.82 11.41 0.89
C ILE D 274 4.37 11.76 1.20
N CYS D 275 3.53 10.75 1.36
CA CYS D 275 2.11 10.93 1.65
C CYS D 275 1.46 11.88 0.64
N PRO D 276 1.40 11.51 -0.64
CA PRO D 276 0.76 12.41 -1.61
C PRO D 276 -0.74 12.52 -1.38
N HIS D 277 -1.29 13.67 -1.71
CA HIS D 277 -2.74 13.88 -1.61
C HIS D 277 -3.43 13.41 -2.89
N SER D 278 -3.11 12.17 -3.28
CA SER D 278 -3.69 11.55 -4.47
C SER D 278 -3.63 10.05 -4.28
N LEU D 279 -4.75 9.38 -4.53
CA LEU D 279 -4.81 7.94 -4.32
C LEU D 279 -4.02 7.15 -5.35
N SER D 280 -3.63 7.77 -6.46
CA SER D 280 -3.05 7.06 -7.60
C SER D 280 -1.71 7.66 -8.00
N PHE D 281 -0.83 7.90 -7.04
CA PHE D 281 0.53 8.35 -7.32
C PHE D 281 1.48 7.35 -6.66
N ARG D 282 1.79 6.28 -7.38
CA ARG D 282 2.70 5.24 -6.92
C ARG D 282 4.14 5.59 -7.28
N PRO D 283 5.11 5.09 -6.51
CA PRO D 283 6.51 5.33 -6.85
C PRO D 283 6.86 4.75 -8.21
N ILE D 284 7.74 5.44 -8.93
CA ILE D 284 8.11 5.04 -10.28
C ILE D 284 9.61 4.78 -10.31
N VAL D 285 10.02 3.95 -11.27
CA VAL D 285 11.41 3.59 -11.50
C VAL D 285 11.78 4.00 -12.91
N VAL D 286 12.85 4.77 -13.04
CA VAL D 286 13.24 5.34 -14.33
C VAL D 286 14.67 4.90 -14.61
N PRO D 287 15.07 4.89 -15.89
CA PRO D 287 16.45 4.50 -16.22
C PRO D 287 17.46 5.44 -15.59
N ALA D 288 18.65 4.91 -15.31
CA ALA D 288 19.68 5.67 -14.63
C ALA D 288 20.29 6.75 -15.52
N GLY D 289 20.10 6.67 -16.83
CA GLY D 289 20.76 7.59 -17.74
C GLY D 289 19.95 8.82 -18.11
N VAL D 290 18.94 9.15 -17.31
CA VAL D 290 18.04 10.23 -17.63
C VAL D 290 18.39 11.47 -16.81
N GLU D 291 17.87 12.61 -17.26
CA GLU D 291 18.01 13.89 -16.57
C GLU D 291 16.78 14.14 -15.72
N LEU D 292 16.98 14.42 -14.43
CA LEU D 292 15.88 14.82 -13.56
C LEU D 292 16.06 16.28 -13.15
N LYS D 293 14.95 17.02 -13.15
CA LYS D 293 14.93 18.41 -12.72
C LYS D 293 13.75 18.59 -11.78
N ILE D 294 13.93 19.46 -10.78
CA ILE D 294 12.92 19.68 -9.76
C ILE D 294 12.88 21.18 -9.46
N MET D 295 11.67 21.76 -9.55
CA MET D 295 11.47 23.17 -9.29
C MET D 295 10.19 23.37 -8.51
N LEU D 296 9.98 24.61 -8.06
CA LEU D 296 8.72 25.02 -7.46
C LEU D 296 7.78 25.50 -8.57
N SER D 297 6.54 25.03 -8.52
CA SER D 297 5.57 25.45 -9.52
C SER D 297 5.29 26.94 -9.40
N PRO D 298 5.01 27.62 -10.51
CA PRO D 298 4.77 29.07 -10.44
C PRO D 298 3.59 29.44 -9.55
N GLU D 299 2.55 28.61 -9.51
CA GLU D 299 1.41 28.85 -8.63
C GLU D 299 1.53 28.00 -7.36
N ALA D 300 2.54 28.29 -6.57
CA ALA D 300 2.83 27.55 -5.35
C ALA D 300 3.02 28.51 -4.18
N ARG D 301 2.45 28.13 -3.03
CA ARG D 301 2.66 28.85 -1.80
C ARG D 301 3.75 28.18 -0.98
N ASN D 302 4.50 29.00 -0.24
CA ASN D 302 5.63 28.56 0.59
C ASN D 302 6.78 28.04 -0.26
N THR D 303 7.97 28.00 0.32
CA THR D 303 9.16 27.51 -0.35
C THR D 303 9.35 26.03 -0.02
N ALA D 304 10.38 25.42 -0.59
CA ALA D 304 10.67 24.01 -0.37
C ALA D 304 12.02 23.87 0.31
N TRP D 305 12.26 22.68 0.86
CA TRP D 305 13.48 22.40 1.60
C TRP D 305 14.09 21.11 1.09
N VAL D 306 15.37 21.17 0.72
CA VAL D 306 16.08 20.05 0.12
C VAL D 306 17.16 19.56 1.08
N SER D 307 17.21 18.25 1.29
CA SER D 307 18.17 17.59 2.17
C SER D 307 18.87 16.48 1.42
N PHE D 308 20.15 16.29 1.76
CA PHE D 308 21.01 15.31 1.10
C PHE D 308 21.46 14.29 2.13
N ASP D 309 20.87 13.08 2.06
CA ASP D 309 21.17 11.99 3.00
C ASP D 309 20.91 12.41 4.46
N GLY D 310 19.94 13.29 4.66
CA GLY D 310 19.62 13.77 5.99
C GLY D 310 20.42 14.95 6.48
N ARG D 311 21.39 15.41 5.70
CA ARG D 311 22.21 16.56 6.06
C ARG D 311 22.15 17.61 4.95
N LYS D 312 22.81 18.75 5.19
CA LYS D 312 22.84 19.87 4.25
C LYS D 312 21.43 20.28 3.85
N ARG D 313 20.62 20.56 4.88
CA ARG D 313 19.20 20.90 4.71
C ARG D 313 19.11 22.38 4.39
N GLN D 314 18.89 22.70 3.12
CA GLN D 314 18.81 24.10 2.67
C GLN D 314 17.45 24.35 2.02
N GLU D 315 17.26 25.59 1.58
CA GLU D 315 15.95 26.06 1.13
C GLU D 315 16.01 26.45 -0.34
N ILE D 316 14.99 26.05 -1.09
CA ILE D 316 14.84 26.41 -2.51
C ILE D 316 13.55 27.20 -2.66
N ARG D 317 13.65 28.35 -3.33
CA ARG D 317 12.55 29.26 -3.61
C ARG D 317 12.13 29.11 -5.07
N HIS D 318 11.27 30.03 -5.53
CA HIS D 318 10.72 29.93 -6.88
C HIS D 318 11.80 29.99 -7.96
N GLY D 319 12.89 30.70 -7.71
CA GLY D 319 13.93 30.87 -8.71
C GLY D 319 15.01 29.81 -8.70
N ASP D 320 14.89 28.77 -7.89
CA ASP D 320 15.92 27.75 -7.77
C ASP D 320 15.54 26.48 -8.52
N SER D 321 16.56 25.69 -8.85
CA SER D 321 16.34 24.43 -9.55
C SER D 321 17.28 23.37 -9.00
N ILE D 322 16.83 22.12 -9.05
CA ILE D 322 17.63 20.97 -8.61
C ILE D 322 17.77 20.02 -9.80
N SER D 323 19.00 19.62 -10.11
CA SER D 323 19.28 18.71 -11.22
C SER D 323 19.90 17.44 -10.68
N ILE D 324 19.33 16.30 -11.05
CA ILE D 324 19.72 15.00 -10.53
C ILE D 324 20.08 14.08 -11.69
N THR D 325 21.26 13.45 -11.59
CA THR D 325 21.72 12.46 -12.56
C THR D 325 22.36 11.31 -11.79
N THR D 326 22.68 10.24 -12.51
CA THR D 326 23.41 9.13 -11.93
C THR D 326 24.90 9.41 -12.02
N SER D 327 25.57 9.38 -10.87
CA SER D 327 26.99 9.73 -10.81
C SER D 327 27.85 8.65 -11.45
N THR D 328 29.03 9.06 -11.88
CA THR D 328 30.01 8.15 -12.47
C THR D 328 30.99 7.59 -11.44
N TYR D 329 30.78 7.88 -10.16
CA TYR D 329 31.68 7.45 -9.08
C TYR D 329 30.88 6.63 -8.08
N PRO D 330 30.77 5.32 -8.30
CA PRO D 330 30.02 4.47 -7.34
C PRO D 330 30.80 4.30 -6.04
N LEU D 331 30.08 3.79 -5.04
CA LEU D 331 30.67 3.48 -3.74
C LEU D 331 30.81 1.97 -3.61
N PRO D 332 32.02 1.41 -3.77
CA PRO D 332 32.20 -0.04 -3.61
C PRO D 332 32.22 -0.42 -2.14
N SER D 333 31.29 -1.27 -1.73
CA SER D 333 31.22 -1.78 -0.37
C SER D 333 31.48 -3.28 -0.40
N ILE D 334 32.49 -3.71 0.35
CA ILE D 334 32.88 -5.11 0.35
C ILE D 334 31.82 -5.94 1.06
N CYS D 335 31.42 -7.04 0.43
CA CYS D 335 30.40 -7.93 0.96
C CYS D 335 31.05 -9.15 1.60
N VAL D 336 30.39 -9.67 2.63
CA VAL D 336 30.98 -10.76 3.40
C VAL D 336 31.04 -12.05 2.57
N ARG D 337 29.92 -12.43 1.93
CA ARG D 337 29.93 -13.61 1.09
C ARG D 337 29.56 -13.34 -0.36
N ASP D 338 28.41 -12.72 -0.63
CA ASP D 338 28.04 -12.37 -1.99
C ASP D 338 26.94 -11.32 -1.95
N PRO D 339 26.72 -10.58 -3.05
CA PRO D 339 25.74 -9.48 -2.99
C PRO D 339 24.32 -9.91 -2.67
N VAL D 340 23.76 -10.86 -3.42
CA VAL D 340 22.34 -11.18 -3.28
C VAL D 340 22.04 -11.76 -1.90
N SER D 341 22.90 -12.67 -1.41
CA SER D 341 22.67 -13.27 -0.11
C SER D 341 22.75 -12.23 1.01
N ASP D 342 23.70 -11.30 0.92
CA ASP D 342 23.82 -10.26 1.93
C ASP D 342 22.62 -9.32 1.88
N TRP D 343 22.16 -8.98 0.67
CA TRP D 343 20.97 -8.14 0.56
C TRP D 343 19.76 -8.82 1.19
N PHE D 344 19.58 -10.12 0.94
CA PHE D 344 18.41 -10.80 1.47
C PHE D 344 18.49 -11.02 2.97
N GLU D 345 19.70 -11.28 3.49
CA GLU D 345 19.82 -11.41 4.95
C GLU D 345 19.61 -10.06 5.63
N SER D 346 20.07 -8.96 5.00
CA SER D 346 19.79 -7.64 5.55
C SER D 346 18.30 -7.35 5.54
N LEU D 347 17.60 -7.75 4.47
CA LEU D 347 16.16 -7.60 4.44
C LEU D 347 15.49 -8.41 5.55
N ALA D 348 15.99 -9.63 5.79
CA ALA D 348 15.37 -10.49 6.79
C ALA D 348 15.60 -9.97 8.21
N GLN D 349 16.82 -9.56 8.52
CA GLN D 349 17.13 -9.17 9.91
C GLN D 349 16.70 -7.74 10.21
N CYS D 350 16.94 -6.81 9.29
CA CYS D 350 16.67 -5.40 9.57
C CYS D 350 15.20 -5.06 9.35
N LEU D 351 14.69 -5.36 8.15
CA LEU D 351 13.34 -4.96 7.78
C LEU D 351 12.29 -6.04 8.05
N HIS D 352 12.70 -7.23 8.48
CA HIS D 352 11.78 -8.34 8.73
C HIS D 352 10.91 -8.62 7.52
N TRP D 353 11.53 -8.64 6.35
CA TRP D 353 10.80 -8.85 5.09
C TRP D 353 10.34 -10.30 5.00
N ASN D 354 9.02 -10.49 4.96
CA ASN D 354 8.39 -11.81 4.88
C ASN D 354 8.78 -12.70 6.06
N VAL D 355 8.36 -12.26 7.24
CA VAL D 355 8.53 -13.05 8.45
C VAL D 355 7.25 -13.84 8.69
N ARG D 356 7.39 -15.14 8.90
CA ARG D 356 6.25 -16.05 9.06
C ARG D 356 5.27 -15.95 7.90
#